data_7Y0F
#
_entry.id   7Y0F
#
_cell.length_a   48.045
_cell.length_b   91.208
_cell.length_c   90.696
_cell.angle_alpha   90.00
_cell.angle_beta   100.44
_cell.angle_gamma   90.00
#
_symmetry.space_group_name_H-M   'P 1 21 1'
#
loop_
_entity.id
_entity.type
_entity.pdbx_description
1 polymer 'Transmembrane protease serine 2 catalytic chain'
2 polymer 'Transmembrane protease serine 2 catalytic chain'
3 non-polymer 2-acetamido-2-deoxy-beta-D-glucopyranose
4 non-polymer 'CALCIUM ION'
5 non-polymer '2-[(1-carbamimidamido-4-chloranyl-isoquinolin-7-yl)sulfonylamino]-2-methyl-propanoic acid'
6 water water
#
loop_
_entity_poly.entity_id
_entity_poly.type
_entity_poly.pdbx_seq_one_letter_code
_entity_poly.pdbx_strand_id
1 'polypeptide(L)'
;MGSKCSNSGIECDSSGTCINPSNWCDGVSHCPGGEDENRCVRLYGPNFILQVYSSQRKSWHPVCQDDWNENYGRAACRDM
GYKNNFYSSQGIVDDSGSTSFMKLNTSAGNVDIYKKLYHSDACSSKAVVSLRCIACGVNLNDDDDK
;
A,B
2 'polypeptide(L)'
;IVGGESALPGAWPWQVSLHVQNVHVCGGSIITPEWIVTAAHCVEKPLNNPWHWTAFAGILRQSFMFYGAGYQVEKVISHP
NYDSKTKNNDIALMKLQKPLTFNDLVKPVCLPNPGMMLQPEQLCWISGWGATEEKGKTSEVLNAAKVLLIETQRCNSRYV
YDNLITPAMICAGFLQGNVDSCQGDSGGPLVTSKNNIWWLIGDTSWGSGCAKAYRPGVYGNVMVFTDWIYRQMRADGEFV
EHHHHHHHH
;
C,D
#
# COMPACT_ATOMS: atom_id res chain seq x y z
N ASN A 7 -3.19 -26.78 -39.69
CA ASN A 7 -2.05 -27.64 -39.41
C ASN A 7 -1.21 -27.85 -40.67
N SER A 8 -1.13 -26.78 -41.46
CA SER A 8 -0.18 -26.69 -42.57
C SER A 8 0.48 -25.32 -42.48
N GLY A 9 -0.25 -24.34 -41.95
CA GLY A 9 0.26 -23.02 -41.70
C GLY A 9 -0.18 -22.49 -40.35
N ILE A 10 -0.87 -21.36 -40.33
CA ILE A 10 -1.33 -20.72 -39.09
C ILE A 10 -2.85 -20.71 -39.08
N GLU A 11 -3.43 -21.17 -37.98
CA GLU A 11 -4.88 -21.29 -37.81
C GLU A 11 -5.47 -20.00 -37.22
N CYS A 12 -6.73 -19.73 -37.60
CA CYS A 12 -7.47 -18.60 -37.05
C CYS A 12 -8.68 -19.04 -36.24
N ASP A 13 -8.96 -20.34 -36.15
CA ASP A 13 -10.14 -20.87 -35.47
C ASP A 13 -11.42 -20.33 -36.09
N THR A 17 -10.40 -21.05 -40.37
CA THR A 17 -9.55 -20.53 -41.44
C THR A 17 -8.07 -20.71 -41.10
N CYS A 18 -7.31 -21.21 -42.07
CA CYS A 18 -5.86 -21.36 -41.94
C CYS A 18 -5.17 -20.36 -42.85
N ILE A 19 -4.05 -19.82 -42.38
CA ILE A 19 -3.35 -18.72 -43.04
C ILE A 19 -1.91 -19.13 -43.31
N ASN A 20 -1.36 -18.65 -44.42
CA ASN A 20 0.06 -18.82 -44.68
C ASN A 20 0.86 -17.93 -43.72
N PRO A 21 1.83 -18.48 -43.00
CA PRO A 21 2.50 -17.70 -41.93
C PRO A 21 3.12 -16.41 -42.40
N SER A 22 3.35 -16.26 -43.71
CA SER A 22 3.79 -14.99 -44.27
C SER A 22 2.65 -13.98 -44.38
N ASN A 23 1.40 -14.43 -44.21
CA ASN A 23 0.26 -13.53 -44.10
C ASN A 23 -0.16 -13.34 -42.66
N TRP A 24 0.47 -14.04 -41.72
CA TRP A 24 0.25 -13.81 -40.30
C TRP A 24 1.10 -12.63 -39.84
N CYS A 25 0.47 -11.59 -39.34
CA CYS A 25 1.18 -10.42 -38.80
C CYS A 25 1.80 -9.59 -39.93
N ASP A 26 1.14 -9.51 -41.08
CA ASP A 26 1.68 -8.77 -42.20
C ASP A 26 1.02 -7.40 -42.37
N GLY A 27 0.07 -7.04 -41.51
CA GLY A 27 -0.58 -5.76 -41.55
C GLY A 27 -1.97 -5.77 -42.15
N VAL A 28 -2.31 -6.80 -42.91
CA VAL A 28 -3.62 -6.93 -43.55
C VAL A 28 -4.39 -8.00 -42.81
N SER A 29 -5.56 -7.64 -42.26
CA SER A 29 -6.36 -8.57 -41.49
C SER A 29 -6.99 -9.60 -42.42
N HIS A 30 -6.53 -10.84 -42.34
CA HIS A 30 -6.95 -11.90 -43.26
C HIS A 30 -7.89 -12.92 -42.64
N CYS A 31 -7.84 -13.13 -41.32
CA CYS A 31 -8.87 -13.95 -40.71
C CYS A 31 -10.13 -13.10 -40.47
N PRO A 32 -11.31 -13.71 -40.51
CA PRO A 32 -12.53 -12.93 -40.27
C PRO A 32 -12.57 -12.32 -38.87
N GLY A 33 -11.97 -12.99 -37.89
CA GLY A 33 -11.84 -12.44 -36.56
C GLY A 33 -10.59 -11.64 -36.32
N GLY A 34 -9.80 -11.38 -37.38
CA GLY A 34 -8.59 -10.59 -37.24
C GLY A 34 -7.49 -11.22 -36.41
N GLU A 35 -7.61 -12.51 -36.09
CA GLU A 35 -6.64 -13.16 -35.21
C GLU A 35 -5.21 -13.10 -35.76
N ASP A 36 -5.06 -12.95 -37.08
CA ASP A 36 -3.75 -12.88 -37.69
C ASP A 36 -3.05 -11.54 -37.50
N GLU A 37 -3.77 -10.51 -37.08
CA GLU A 37 -3.20 -9.17 -36.96
C GLU A 37 -3.33 -8.55 -35.58
N ASN A 38 -3.92 -9.25 -34.60
CA ASN A 38 -4.09 -8.67 -33.28
C ASN A 38 -3.16 -9.25 -32.22
N ARG A 39 -2.42 -10.32 -32.54
CA ARG A 39 -1.49 -10.87 -31.57
C ARG A 39 -0.08 -10.89 -32.16
N CYS A 40 0.38 -9.72 -32.59
CA CYS A 40 1.67 -9.57 -33.26
C CYS A 40 2.73 -8.95 -32.37
N VAL A 41 2.34 -8.44 -31.21
CA VAL A 41 3.30 -7.89 -30.24
C VAL A 41 3.20 -8.78 -29.02
N ARG A 42 4.34 -9.12 -28.41
CA ARG A 42 4.35 -9.98 -27.22
C ARG A 42 5.48 -9.61 -26.28
N LEU A 43 5.27 -9.76 -24.99
CA LEU A 43 6.36 -9.64 -24.03
C LEU A 43 6.93 -11.03 -23.76
N TYR A 44 8.25 -11.14 -23.71
CA TYR A 44 8.92 -12.41 -23.60
C TYR A 44 9.72 -12.48 -22.31
N GLY A 45 9.61 -13.61 -21.61
CA GLY A 45 10.48 -13.92 -20.51
C GLY A 45 10.14 -13.15 -19.24
N PRO A 46 10.82 -13.48 -18.15
CA PRO A 46 10.59 -12.76 -16.89
C PRO A 46 11.11 -11.33 -16.90
N ASN A 47 11.65 -10.86 -18.02
CA ASN A 47 12.15 -9.50 -18.14
C ASN A 47 11.34 -8.69 -19.14
N PHE A 48 10.19 -9.17 -19.53
CA PHE A 48 9.28 -8.44 -20.45
C PHE A 48 9.96 -7.99 -21.74
N ILE A 49 10.80 -8.87 -22.31
CA ILE A 49 11.45 -8.51 -23.56
C ILE A 49 10.40 -8.33 -24.64
N LEU A 50 10.30 -7.12 -25.18
CA LEU A 50 9.27 -6.82 -26.20
C LEU A 50 9.62 -7.57 -27.47
N GLN A 51 8.64 -8.26 -27.98
CA GLN A 51 8.84 -9.05 -29.18
C GLN A 51 7.74 -8.77 -30.19
N VAL A 52 8.11 -8.80 -31.46
CA VAL A 52 7.19 -8.67 -32.59
C VAL A 52 7.38 -9.84 -33.51
N TYR A 53 6.28 -10.39 -33.99
CA TYR A 53 6.30 -11.51 -34.91
C TYR A 53 6.67 -11.02 -36.30
N SER A 54 7.64 -11.69 -36.92
CA SER A 54 8.02 -11.39 -38.30
C SER A 54 7.27 -12.32 -39.23
N SER A 55 6.45 -11.73 -40.12
CA SER A 55 5.77 -12.53 -41.13
C SER A 55 6.77 -13.25 -42.02
N GLN A 56 7.87 -12.59 -42.36
CA GLN A 56 8.84 -13.16 -43.28
C GLN A 56 9.62 -14.29 -42.63
N ARG A 57 10.15 -14.04 -41.44
CA ARG A 57 11.03 -15.04 -40.78
C ARG A 57 10.19 -16.03 -39.99
N LYS A 58 8.90 -15.79 -39.88
CA LYS A 58 7.95 -16.74 -39.21
C LYS A 58 8.41 -16.93 -37.78
N SER A 59 8.87 -15.85 -37.18
CA SER A 59 9.45 -15.94 -35.83
C SER A 59 9.20 -14.68 -35.02
N TRP A 60 9.28 -14.83 -33.72
CA TRP A 60 9.12 -13.69 -32.81
C TRP A 60 10.49 -13.12 -32.58
N HIS A 61 10.54 -11.81 -32.67
CA HIS A 61 11.84 -11.15 -32.60
C HIS A 61 11.86 -10.00 -31.59
N PRO A 62 12.93 -9.81 -30.77
CA PRO A 62 12.99 -8.70 -29.86
C PRO A 62 13.12 -7.31 -30.49
N VAL A 63 12.32 -6.37 -30.00
CA VAL A 63 12.38 -4.99 -30.49
C VAL A 63 13.59 -4.33 -29.87
N CYS A 64 14.37 -3.65 -30.69
CA CYS A 64 15.58 -2.96 -30.26
C CYS A 64 15.17 -1.68 -29.54
N GLN A 65 15.94 -1.28 -28.55
CA GLN A 65 15.71 -0.06 -27.80
C GLN A 65 16.08 1.18 -28.61
N ASP A 66 16.62 0.99 -29.82
CA ASP A 66 17.11 2.11 -30.60
C ASP A 66 15.95 2.99 -31.04
N ASP A 67 15.99 4.26 -30.67
CA ASP A 67 14.99 5.25 -31.07
C ASP A 67 13.59 4.87 -30.60
N TRP A 68 13.52 3.96 -29.63
CA TRP A 68 12.26 3.57 -29.03
C TRP A 68 11.99 4.50 -27.86
N ASN A 69 10.79 5.09 -27.94
CA ASN A 69 10.30 6.03 -26.91
C ASN A 69 9.10 5.41 -26.20
N GLU A 70 8.50 6.14 -25.28
CA GLU A 70 7.41 5.57 -24.47
C GLU A 70 6.13 5.50 -25.29
N ASN A 71 6.03 6.28 -26.35
CA ASN A 71 4.74 6.27 -27.08
C ASN A 71 4.69 5.01 -27.92
N TYR A 72 5.85 4.50 -28.31
CA TYR A 72 5.89 3.27 -29.10
C TYR A 72 5.53 2.13 -28.14
N GLY A 73 5.97 2.22 -26.90
CA GLY A 73 5.62 1.24 -25.89
C GLY A 73 4.14 1.30 -25.54
N ARG A 74 3.64 2.51 -25.29
CA ARG A 74 2.20 2.71 -25.10
C ARG A 74 1.41 2.14 -26.26
N ALA A 75 1.95 2.24 -27.48
CA ALA A 75 1.26 1.69 -28.64
C ALA A 75 1.31 0.17 -28.65
N ALA A 76 2.45 -0.39 -28.34
CA ALA A 76 2.56 -1.86 -28.24
C ALA A 76 1.68 -2.32 -27.08
N CYS A 77 1.66 -1.57 -26.00
CA CYS A 77 0.76 -1.90 -24.90
C CYS A 77 -0.69 -1.82 -25.34
N ARG A 78 -1.03 -0.80 -26.15
CA ARG A 78 -2.38 -0.70 -26.68
C ARG A 78 -2.69 -1.90 -27.58
N ASP A 79 -1.72 -2.33 -28.38
CA ASP A 79 -1.92 -3.44 -29.29
C ASP A 79 -1.93 -4.79 -28.60
N MET A 80 -1.62 -4.84 -27.31
CA MET A 80 -1.67 -6.07 -26.53
C MET A 80 -2.90 -6.15 -25.63
N GLY A 81 -3.76 -5.14 -25.67
CA GLY A 81 -4.97 -5.15 -24.88
C GLY A 81 -4.89 -4.43 -23.55
N TYR A 82 -3.78 -3.77 -23.26
CA TYR A 82 -3.63 -3.04 -22.02
C TYR A 82 -4.11 -1.60 -22.12
N LYS A 83 -4.59 -1.22 -23.30
CA LYS A 83 -5.12 0.13 -23.53
C LYS A 83 -4.18 1.23 -23.05
N ASN A 84 -4.67 2.12 -22.19
CA ASN A 84 -3.88 3.25 -21.71
C ASN A 84 -3.02 2.88 -20.52
N ASN A 85 -2.93 1.59 -20.18
CA ASN A 85 -2.05 1.14 -19.13
C ASN A 85 -0.61 1.10 -19.62
N PHE A 86 0.28 1.79 -18.92
CA PHE A 86 1.72 1.76 -19.24
C PHE A 86 2.47 1.96 -17.93
N TYR A 87 3.44 1.12 -17.67
CA TYR A 87 4.26 1.19 -16.47
C TYR A 87 5.70 1.55 -16.78
N SER A 88 6.39 0.73 -17.58
CA SER A 88 7.81 0.92 -17.79
C SER A 88 8.17 0.48 -19.20
N SER A 89 9.08 1.22 -19.83
CA SER A 89 9.78 0.76 -21.02
C SER A 89 11.24 1.20 -20.93
N GLN A 90 12.13 0.26 -20.65
CA GLN A 90 13.55 0.52 -20.59
C GLN A 90 14.27 -0.45 -21.51
N GLY A 91 15.54 -0.17 -21.77
CA GLY A 91 16.38 -1.08 -22.53
C GLY A 91 17.05 -2.06 -21.59
N ILE A 92 17.18 -3.31 -22.04
CA ILE A 92 17.88 -4.35 -21.29
C ILE A 92 18.64 -5.23 -22.27
N VAL A 93 19.63 -5.94 -21.73
CA VAL A 93 20.28 -7.00 -22.49
C VAL A 93 19.24 -8.07 -22.80
N ASP A 94 19.35 -8.65 -23.99
CA ASP A 94 18.38 -9.65 -24.44
C ASP A 94 18.75 -11.00 -23.87
N ASP A 95 17.83 -11.60 -23.10
CA ASP A 95 18.00 -12.96 -22.61
C ASP A 95 17.08 -13.94 -23.32
N SER A 96 16.37 -13.50 -24.36
CA SER A 96 15.47 -14.38 -25.10
C SER A 96 16.21 -15.34 -26.02
N GLY A 97 17.54 -15.37 -25.97
CA GLY A 97 18.30 -16.23 -26.86
C GLY A 97 18.10 -15.92 -28.32
N SER A 98 17.90 -14.66 -28.66
CA SER A 98 17.56 -14.27 -30.02
C SER A 98 18.80 -13.87 -30.81
N THR A 99 18.74 -14.10 -32.12
CA THR A 99 19.80 -13.74 -33.03
C THR A 99 19.40 -12.65 -34.01
N SER A 100 18.14 -12.62 -34.39
CA SER A 100 17.67 -11.51 -35.24
C SER A 100 16.84 -10.61 -34.34
N PHE A 101 16.79 -9.34 -34.64
CA PHE A 101 16.11 -8.34 -33.83
C PHE A 101 15.27 -7.44 -34.72
N MET A 102 14.31 -6.73 -34.10
CA MET A 102 13.44 -5.80 -34.79
C MET A 102 13.83 -4.39 -34.41
N LYS A 103 14.30 -3.61 -35.39
CA LYS A 103 14.79 -2.23 -35.15
C LYS A 103 13.82 -1.25 -35.76
N LEU A 104 13.81 -0.03 -35.25
CA LEU A 104 12.81 0.95 -35.71
C LEU A 104 13.29 1.71 -36.94
N ASN A 105 12.43 1.87 -37.95
CA ASN A 105 12.72 2.75 -39.10
C ASN A 105 11.86 3.96 -38.74
N THR A 106 12.47 5.05 -38.25
CA THR A 106 11.63 6.15 -37.72
C THR A 106 11.01 6.84 -38.94
N SER A 107 11.44 6.41 -40.12
CA SER A 107 10.87 6.94 -41.37
C SER A 107 10.02 5.84 -42.01
N ILE A 113 4.29 0.36 -33.10
CA ILE A 113 4.29 -1.07 -32.81
C ILE A 113 4.73 -1.87 -34.03
N TYR A 114 4.14 -3.05 -34.23
CA TYR A 114 4.51 -3.89 -35.34
C TYR A 114 4.20 -3.20 -36.68
N LYS A 115 4.95 -3.62 -37.70
CA LYS A 115 4.89 -3.09 -39.07
C LYS A 115 5.56 -1.73 -39.16
N LYS A 116 5.97 -1.18 -38.02
CA LYS A 116 6.77 0.03 -37.97
C LYS A 116 8.24 -0.30 -37.67
N LEU A 117 8.56 -1.59 -37.65
CA LEU A 117 9.89 -2.11 -37.37
C LEU A 117 10.42 -2.85 -38.60
N TYR A 118 11.71 -3.14 -38.58
CA TYR A 118 12.33 -3.93 -39.66
C TYR A 118 13.34 -4.87 -39.01
N HIS A 119 13.78 -5.88 -39.76
CA HIS A 119 14.66 -6.90 -39.17
C HIS A 119 16.11 -6.44 -39.21
N SER A 120 16.85 -6.58 -38.08
CA SER A 120 18.29 -6.26 -38.01
C SER A 120 18.91 -7.38 -37.20
N ASP A 121 20.17 -7.68 -37.43
CA ASP A 121 20.74 -8.73 -36.60
C ASP A 121 21.46 -8.18 -35.37
N ALA A 122 21.59 -6.87 -35.26
CA ALA A 122 22.15 -6.19 -34.10
C ALA A 122 21.21 -5.08 -33.64
N CYS A 123 21.53 -4.50 -32.49
CA CYS A 123 20.83 -3.34 -31.93
C CYS A 123 21.90 -2.35 -31.51
N SER A 124 21.87 -1.14 -32.11
CA SER A 124 22.92 -0.16 -31.89
C SER A 124 23.08 0.17 -30.41
N SER A 125 21.99 0.12 -29.64
CA SER A 125 22.06 0.36 -28.22
C SER A 125 22.62 -0.81 -27.45
N LYS A 126 22.70 -1.99 -28.08
CA LYS A 126 23.03 -3.28 -27.47
C LYS A 126 21.92 -3.75 -26.55
N ALA A 127 20.74 -3.15 -26.63
CA ALA A 127 19.66 -3.44 -25.72
C ALA A 127 18.37 -3.66 -26.49
N VAL A 128 17.53 -4.52 -25.94
CA VAL A 128 16.19 -4.75 -26.47
C VAL A 128 15.22 -4.03 -25.55
N VAL A 129 13.99 -3.83 -26.04
CA VAL A 129 12.98 -3.14 -25.28
C VAL A 129 12.39 -4.08 -24.24
N SER A 130 12.43 -3.67 -22.98
CA SER A 130 11.69 -4.34 -21.92
C SER A 130 10.47 -3.49 -21.64
N LEU A 131 9.31 -3.93 -22.12
CA LEU A 131 8.08 -3.17 -22.02
C LEU A 131 7.22 -3.77 -20.91
N ARG A 132 6.86 -2.95 -19.93
CA ARG A 132 5.94 -3.34 -18.85
C ARG A 132 4.67 -2.51 -19.01
N CYS A 133 3.62 -3.14 -19.55
CA CYS A 133 2.38 -2.43 -19.82
C CYS A 133 1.60 -2.08 -18.57
N ILE A 134 1.75 -2.85 -17.51
CA ILE A 134 0.97 -2.64 -16.26
C ILE A 134 1.86 -2.92 -15.05
N ALA A 135 1.75 -2.10 -14.01
CA ALA A 135 2.46 -2.38 -12.77
C ALA A 135 1.78 -3.53 -12.03
N CYS A 136 2.26 -4.75 -12.27
CA CYS A 136 1.66 -5.95 -11.73
C CYS A 136 2.73 -6.80 -11.04
N GLY A 137 2.27 -7.89 -10.42
CA GLY A 137 3.18 -8.92 -9.98
C GLY A 137 3.97 -8.59 -8.75
N VAL A 138 3.57 -7.56 -8.01
CA VAL A 138 4.27 -7.13 -6.81
C VAL A 138 3.31 -7.29 -5.64
N ASN A 139 3.78 -7.97 -4.60
CA ASN A 139 3.01 -8.18 -3.35
C ASN A 139 3.71 -7.41 -2.24
N LEU A 140 3.53 -7.81 -1.01
CA LEU A 140 4.00 -7.02 0.14
C LEU A 140 5.44 -7.38 0.41
N ASN A 141 5.87 -8.50 -0.15
CA ASN A 141 7.23 -9.00 0.12
C ASN A 141 8.07 -9.01 -1.15
N ASP A 142 9.12 -8.22 -1.22
CA ASP A 142 10.04 -8.31 -2.37
C ASP A 142 11.03 -9.43 -2.06
N ILE B 1 -8.78 -23.22 0.41
CA ILE B 1 -7.35 -23.61 0.38
C ILE B 1 -7.13 -24.50 1.58
N VAL B 2 -6.84 -25.77 1.29
CA VAL B 2 -6.50 -26.78 2.33
C VAL B 2 -5.00 -26.72 2.52
N GLY B 3 -4.57 -26.89 3.76
CA GLY B 3 -3.14 -26.94 4.04
C GLY B 3 -2.45 -25.59 4.03
N GLY B 4 -3.20 -24.50 3.93
CA GLY B 4 -2.59 -23.19 3.82
C GLY B 4 -2.66 -22.35 5.07
N GLU B 5 -2.67 -21.03 4.90
CA GLU B 5 -2.60 -20.11 6.02
C GLU B 5 -3.41 -18.86 5.67
N SER B 6 -3.89 -18.18 6.70
CA SER B 6 -4.61 -16.92 6.50
C SER B 6 -3.72 -15.93 5.79
N ALA B 7 -4.23 -15.36 4.69
CA ALA B 7 -3.45 -14.41 3.92
C ALA B 7 -3.45 -13.04 4.59
N LEU B 8 -2.34 -12.36 4.49
CA LEU B 8 -2.04 -11.04 5.00
C LEU B 8 -2.49 -9.96 4.03
N PRO B 9 -2.86 -8.78 4.53
CA PRO B 9 -3.22 -7.67 3.64
C PRO B 9 -2.13 -7.38 2.62
N GLY B 10 -2.48 -7.40 1.35
CA GLY B 10 -1.52 -7.14 0.31
C GLY B 10 -0.68 -8.34 -0.10
N ALA B 11 -0.88 -9.50 0.52
CA ALA B 11 -0.12 -10.68 0.11
C ALA B 11 -0.53 -11.13 -1.28
N TRP B 12 -1.83 -11.11 -1.55
CA TRP B 12 -2.37 -11.49 -2.86
C TRP B 12 -3.30 -10.37 -3.30
N PRO B 13 -2.71 -9.20 -3.71
CA PRO B 13 -3.51 -8.05 -4.01
C PRO B 13 -4.32 -8.23 -5.27
N TRP B 14 -4.16 -9.36 -5.93
CA TRP B 14 -4.81 -9.64 -7.23
C TRP B 14 -6.00 -10.51 -6.96
N GLN B 15 -5.94 -11.16 -5.83
CA GLN B 15 -7.01 -12.09 -5.52
C GLN B 15 -8.31 -11.33 -5.30
N VAL B 16 -9.35 -11.81 -5.97
CA VAL B 16 -10.67 -11.16 -5.87
C VAL B 16 -11.70 -12.22 -5.51
N SER B 17 -12.63 -11.90 -4.63
CA SER B 17 -13.78 -12.74 -4.35
C SER B 17 -14.91 -12.32 -5.29
N LEU B 18 -15.35 -13.26 -6.10
CA LEU B 18 -16.47 -13.00 -7.02
C LEU B 18 -17.75 -13.51 -6.37
N HIS B 19 -18.75 -12.65 -6.30
CA HIS B 19 -19.96 -12.93 -5.53
C HIS B 19 -21.17 -13.04 -6.45
N VAL B 20 -22.09 -13.92 -6.09
CA VAL B 20 -23.40 -14.05 -6.76
C VAL B 20 -24.38 -14.24 -5.62
N GLN B 21 -25.43 -13.42 -5.54
CA GLN B 21 -26.45 -13.52 -4.51
C GLN B 21 -25.85 -13.31 -3.11
N ASN B 22 -24.95 -12.34 -3.02
CA ASN B 22 -24.33 -11.91 -1.77
C ASN B 22 -23.47 -12.97 -1.12
N VAL B 23 -23.05 -13.99 -1.87
CA VAL B 23 -22.16 -15.02 -1.34
C VAL B 23 -21.02 -15.26 -2.32
N HIS B 24 -19.84 -15.54 -1.79
CA HIS B 24 -18.69 -15.90 -2.60
C HIS B 24 -18.97 -17.15 -3.41
N VAL B 25 -18.62 -17.10 -4.68
CA VAL B 25 -18.76 -18.29 -5.53
C VAL B 25 -17.39 -18.67 -6.05
N CYS B 26 -16.59 -17.71 -6.47
CA CYS B 26 -15.34 -18.03 -7.14
C CYS B 26 -14.29 -16.97 -6.82
N GLY B 27 -13.04 -17.36 -7.01
CA GLY B 27 -11.94 -16.41 -6.97
C GLY B 27 -11.64 -15.84 -8.33
N GLY B 28 -10.81 -14.81 -8.32
CA GLY B 28 -10.38 -14.16 -9.55
C GLY B 28 -9.04 -13.52 -9.34
N SER B 29 -8.38 -13.26 -10.45
CA SER B 29 -7.06 -12.61 -10.39
C SER B 29 -7.11 -11.34 -11.21
N ILE B 30 -6.94 -10.20 -10.55
CA ILE B 30 -6.89 -8.88 -11.23
C ILE B 30 -5.65 -8.89 -12.09
N ILE B 31 -5.81 -8.61 -13.36
CA ILE B 31 -4.66 -8.57 -14.29
C ILE B 31 -4.60 -7.14 -14.80
N THR B 32 -5.73 -6.43 -14.80
CA THR B 32 -5.82 -5.01 -15.22
C THR B 32 -6.78 -4.32 -14.28
N PRO B 33 -6.85 -2.96 -14.20
CA PRO B 33 -7.81 -2.30 -13.34
C PRO B 33 -9.27 -2.73 -13.55
N GLU B 34 -9.58 -3.24 -14.73
CA GLU B 34 -10.98 -3.61 -15.04
C GLU B 34 -11.14 -5.08 -15.40
N TRP B 35 -10.06 -5.80 -15.57
CA TRP B 35 -10.14 -7.18 -16.04
C TRP B 35 -9.73 -8.14 -14.95
N ILE B 36 -10.50 -9.21 -14.83
CA ILE B 36 -10.25 -10.24 -13.81
C ILE B 36 -10.22 -11.59 -14.48
N VAL B 37 -9.19 -12.38 -14.19
CA VAL B 37 -9.08 -13.74 -14.68
C VAL B 37 -9.77 -14.68 -13.70
N THR B 38 -10.78 -15.40 -14.18
CA THR B 38 -11.44 -16.41 -13.37
C THR B 38 -11.60 -17.69 -14.18
N ALA B 39 -12.34 -18.66 -13.65
CA ALA B 39 -12.53 -19.93 -14.34
C ALA B 39 -13.81 -19.92 -15.14
N ALA B 40 -13.81 -20.67 -16.24
CA ALA B 40 -14.98 -20.71 -17.10
C ALA B 40 -16.10 -21.54 -16.51
N HIS B 41 -15.78 -22.44 -15.61
CA HIS B 41 -16.80 -23.25 -14.92
C HIS B 41 -17.55 -22.39 -13.92
N CYS B 42 -16.90 -21.33 -13.48
CA CYS B 42 -17.54 -20.39 -12.57
C CYS B 42 -18.70 -19.68 -13.25
N VAL B 43 -18.56 -19.38 -14.54
CA VAL B 43 -19.53 -18.56 -15.25
C VAL B 43 -20.30 -19.40 -16.24
N GLU B 44 -20.48 -20.66 -15.92
CA GLU B 44 -21.31 -21.51 -16.76
C GLU B 44 -22.76 -21.05 -16.55
N LYS B 45 -23.63 -21.26 -17.53
CA LYS B 45 -25.04 -20.94 -17.38
C LYS B 45 -25.56 -21.52 -16.07
N PRO B 46 -26.31 -20.75 -15.27
CA PRO B 46 -26.88 -19.42 -15.53
C PRO B 46 -26.01 -18.25 -15.12
N LEU B 47 -24.77 -18.49 -14.74
CA LEU B 47 -23.94 -17.38 -14.22
C LEU B 47 -23.07 -16.80 -15.34
N ASN B 48 -23.46 -16.99 -16.59
CA ASN B 48 -22.76 -16.45 -17.74
C ASN B 48 -23.04 -14.97 -17.94
N ASN B 49 -24.03 -14.43 -17.26
CA ASN B 49 -24.38 -13.04 -17.43
C ASN B 49 -23.68 -12.20 -16.38
N PRO B 50 -23.08 -11.06 -16.76
CA PRO B 50 -22.27 -10.30 -15.80
C PRO B 50 -23.05 -9.77 -14.61
N TRP B 51 -24.36 -9.63 -14.72
CA TRP B 51 -25.13 -8.95 -13.68
C TRP B 51 -25.10 -9.71 -12.35
N HIS B 52 -25.01 -11.04 -12.39
CA HIS B 52 -24.98 -11.80 -11.15
C HIS B 52 -23.71 -11.55 -10.34
N TRP B 53 -22.65 -11.07 -10.97
CA TRP B 53 -21.31 -11.10 -10.40
C TRP B 53 -20.90 -9.75 -9.85
N THR B 54 -20.42 -9.75 -8.62
CA THR B 54 -19.78 -8.59 -8.00
C THR B 54 -18.42 -9.03 -7.52
N ALA B 55 -17.43 -8.16 -7.69
CA ALA B 55 -16.05 -8.48 -7.35
C ALA B 55 -15.62 -7.70 -6.12
N PHE B 56 -14.89 -8.35 -5.24
CA PHE B 56 -14.38 -7.74 -4.02
C PHE B 56 -12.87 -7.89 -3.99
N ALA B 57 -12.17 -6.76 -4.02
CA ALA B 57 -10.72 -6.72 -4.06
C ALA B 57 -10.19 -6.10 -2.77
N GLY B 58 -9.02 -6.57 -2.33
CA GLY B 58 -8.37 -6.00 -1.17
C GLY B 58 -9.06 -6.30 0.14
N ILE B 59 -10.11 -7.12 0.14
CA ILE B 59 -10.81 -7.51 1.35
C ILE B 59 -10.50 -8.98 1.60
N LEU B 60 -9.84 -9.27 2.72
CA LEU B 60 -9.43 -10.63 3.03
C LEU B 60 -10.55 -11.47 3.60
N ARG B 61 -11.54 -10.81 4.18
CA ARG B 61 -12.58 -11.54 4.90
C ARG B 61 -13.93 -11.44 4.19
N GLN B 62 -14.59 -12.58 4.04
CA GLN B 62 -15.86 -12.59 3.33
C GLN B 62 -16.91 -11.77 4.05
N SER B 63 -16.85 -11.74 5.38
CA SER B 63 -17.79 -10.95 6.17
C SER B 63 -17.54 -9.46 6.04
N PHE B 64 -16.34 -9.06 5.61
CA PHE B 64 -16.03 -7.65 5.39
C PHE B 64 -16.33 -7.22 3.97
N MET B 65 -16.93 -8.08 3.16
CA MET B 65 -17.32 -7.75 1.78
C MET B 65 -18.77 -7.27 1.82
N PHE B 66 -18.87 -5.98 2.10
CA PHE B 66 -20.19 -5.37 2.35
C PHE B 66 -20.84 -4.75 1.14
N TYR B 67 -22.11 -4.43 1.31
CA TYR B 67 -22.80 -3.72 0.23
C TYR B 67 -22.18 -2.34 0.08
N GLY B 68 -21.60 -2.08 -1.08
CA GLY B 68 -20.88 -0.84 -1.35
C GLY B 68 -19.41 -1.02 -1.62
N ALA B 69 -18.81 -2.11 -1.16
CA ALA B 69 -17.43 -2.42 -1.47
C ALA B 69 -17.27 -3.28 -2.70
N GLY B 70 -18.35 -3.77 -3.28
CA GLY B 70 -18.24 -4.62 -4.44
C GLY B 70 -18.09 -3.84 -5.72
N TYR B 71 -17.46 -4.48 -6.69
CA TYR B 71 -17.33 -3.94 -8.03
C TYR B 71 -18.20 -4.80 -8.92
N GLN B 72 -19.24 -4.20 -9.48
CA GLN B 72 -20.15 -4.92 -10.35
C GLN B 72 -19.41 -5.34 -11.62
N VAL B 73 -19.59 -6.58 -12.04
CA VAL B 73 -19.00 -7.09 -13.30
C VAL B 73 -19.85 -6.61 -14.46
N GLU B 74 -19.24 -6.08 -15.50
CA GLU B 74 -19.94 -5.52 -16.68
C GLU B 74 -19.94 -6.52 -17.81
N LYS B 75 -18.92 -7.33 -17.89
CA LYS B 75 -18.79 -8.27 -19.02
C LYS B 75 -18.20 -9.58 -18.53
N VAL B 76 -18.84 -10.70 -18.84
CA VAL B 76 -18.25 -12.02 -18.56
C VAL B 76 -17.92 -12.64 -19.92
N ILE B 77 -16.71 -13.08 -20.11
CA ILE B 77 -16.29 -13.75 -21.34
C ILE B 77 -15.75 -15.11 -20.94
N SER B 78 -16.49 -16.17 -21.26
CA SER B 78 -15.95 -17.51 -21.13
C SER B 78 -15.04 -17.82 -22.31
N HIS B 79 -14.05 -18.67 -22.08
CA HIS B 79 -13.20 -19.10 -23.17
C HIS B 79 -14.07 -19.75 -24.24
N PRO B 80 -13.90 -19.40 -25.51
CA PRO B 80 -14.80 -19.94 -26.54
C PRO B 80 -14.75 -21.45 -26.66
N ASN B 81 -13.60 -22.06 -26.38
CA ASN B 81 -13.43 -23.50 -26.53
C ASN B 81 -13.42 -24.20 -25.18
N TYR B 82 -14.17 -23.66 -24.22
CA TYR B 82 -14.30 -24.28 -22.91
C TYR B 82 -15.24 -25.48 -22.99
N ASP B 83 -14.82 -26.59 -22.41
CA ASP B 83 -15.63 -27.80 -22.35
C ASP B 83 -16.11 -27.99 -20.91
N SER B 84 -17.42 -27.99 -20.70
CA SER B 84 -17.95 -28.13 -19.35
C SER B 84 -17.56 -29.48 -18.74
N LYS B 85 -17.36 -30.51 -19.57
CA LYS B 85 -17.15 -31.87 -19.08
C LYS B 85 -15.69 -32.17 -18.80
N THR B 86 -14.82 -31.97 -19.78
CA THR B 86 -13.40 -32.16 -19.54
C THR B 86 -12.82 -30.98 -18.77
N LYS B 87 -13.50 -29.83 -18.78
CA LYS B 87 -13.05 -28.57 -18.18
C LYS B 87 -11.71 -28.12 -18.75
N ASN B 88 -11.51 -28.43 -20.01
CA ASN B 88 -10.39 -27.93 -20.80
C ASN B 88 -10.69 -26.50 -21.23
N ASN B 89 -9.67 -25.64 -21.16
CA ASN B 89 -9.84 -24.19 -21.41
C ASN B 89 -10.77 -23.57 -20.38
N ASP B 90 -10.63 -23.99 -19.13
CA ASP B 90 -11.44 -23.45 -18.00
C ASP B 90 -10.87 -22.12 -17.58
N ILE B 91 -10.98 -21.11 -18.45
CA ILE B 91 -10.56 -19.72 -18.16
C ILE B 91 -11.67 -18.78 -18.61
N ALA B 92 -11.94 -17.77 -17.83
CA ALA B 92 -12.95 -16.77 -18.18
C ALA B 92 -12.40 -15.41 -17.85
N LEU B 93 -13.04 -14.37 -18.34
CA LEU B 93 -12.58 -13.01 -18.12
C LEU B 93 -13.76 -12.20 -17.62
N MET B 94 -13.55 -11.40 -16.59
CA MET B 94 -14.63 -10.56 -16.05
C MET B 94 -14.19 -9.11 -16.11
N LYS B 95 -14.94 -8.29 -16.83
CA LYS B 95 -14.64 -6.85 -16.89
C LYS B 95 -15.49 -6.20 -15.84
N LEU B 96 -14.99 -5.12 -15.29
CA LEU B 96 -15.70 -4.42 -14.22
C LEU B 96 -16.21 -3.11 -14.80
N GLN B 97 -17.38 -2.70 -14.39
CA GLN B 97 -17.89 -1.41 -14.83
C GLN B 97 -16.94 -0.37 -14.30
N LYS B 98 -16.76 -0.38 -12.99
CA LYS B 98 -15.89 0.59 -12.29
C LYS B 98 -14.45 0.07 -12.27
N PRO B 99 -13.44 0.76 -12.86
CA PRO B 99 -12.08 0.33 -12.73
C PRO B 99 -11.62 0.27 -11.28
N LEU B 100 -10.81 -0.72 -10.95
CA LEU B 100 -10.32 -0.90 -9.58
C LEU B 100 -9.22 0.12 -9.30
N THR B 101 -9.23 0.68 -8.10
CA THR B 101 -8.19 1.65 -7.68
C THR B 101 -7.03 0.88 -7.07
N PHE B 102 -5.91 0.90 -7.76
CA PHE B 102 -4.77 0.07 -7.32
C PHE B 102 -4.04 0.70 -6.14
N ASN B 103 -3.73 -0.13 -5.16
CA ASN B 103 -3.06 0.33 -3.93
C ASN B 103 -2.14 -0.80 -3.50
N ASP B 104 -1.81 -0.88 -2.23
CA ASP B 104 -1.01 -2.03 -1.76
C ASP B 104 -1.92 -3.20 -1.40
N LEU B 105 -3.20 -2.94 -1.22
CA LEU B 105 -4.15 -4.03 -0.93
C LEU B 105 -4.73 -4.57 -2.23
N VAL B 106 -4.82 -3.74 -3.26
CA VAL B 106 -5.40 -4.15 -4.57
C VAL B 106 -4.41 -3.84 -5.67
N LYS B 107 -3.92 -4.88 -6.30
CA LYS B 107 -2.87 -4.70 -7.29
C LYS B 107 -2.98 -5.80 -8.36
N PRO B 108 -2.57 -5.61 -9.61
CA PRO B 108 -2.68 -6.68 -10.55
C PRO B 108 -1.62 -7.77 -10.48
N VAL B 109 -1.93 -8.95 -10.98
CA VAL B 109 -0.90 -10.00 -11.12
C VAL B 109 -0.45 -9.88 -12.57
N CYS B 110 0.79 -10.25 -12.82
CA CYS B 110 1.30 -10.16 -14.18
C CYS B 110 0.84 -11.37 -14.98
N LEU B 111 0.33 -11.12 -16.18
CA LEU B 111 0.04 -12.20 -17.09
C LEU B 111 1.33 -12.91 -17.47
N PRO B 112 1.32 -14.24 -17.56
CA PRO B 112 2.57 -14.95 -17.86
C PRO B 112 3.03 -14.64 -19.27
N ASN B 113 4.32 -14.50 -19.41
CA ASN B 113 4.90 -14.14 -20.70
C ASN B 113 5.49 -15.42 -21.30
N PRO B 114 5.51 -15.65 -22.63
CA PRO B 114 6.18 -16.78 -23.19
C PRO B 114 7.63 -16.78 -22.71
N GLY B 115 8.17 -17.97 -22.53
CA GLY B 115 9.55 -18.08 -22.10
C GLY B 115 9.78 -17.79 -20.63
N MET B 116 8.92 -18.26 -19.75
CA MET B 116 9.10 -18.05 -18.31
C MET B 116 10.14 -19.02 -17.78
N MET B 117 10.41 -20.08 -18.53
CA MET B 117 11.40 -21.08 -18.15
C MET B 117 11.21 -21.50 -16.70
N LEU B 118 9.98 -21.85 -16.37
CA LEU B 118 9.63 -22.24 -15.02
C LEU B 118 10.16 -23.65 -14.74
N GLN B 119 10.33 -23.88 -13.46
CA GLN B 119 10.94 -25.15 -13.05
C GLN B 119 9.89 -26.25 -13.22
N PRO B 120 10.25 -27.51 -13.54
CA PRO B 120 9.24 -28.57 -13.59
C PRO B 120 8.43 -28.66 -12.31
N GLU B 121 9.07 -28.43 -11.16
CA GLU B 121 8.36 -28.42 -9.86
C GLU B 121 8.44 -27.02 -9.29
N GLN B 122 8.00 -26.02 -10.05
CA GLN B 122 8.10 -24.59 -9.63
C GLN B 122 7.25 -24.33 -8.41
N LEU B 123 7.81 -23.65 -7.43
CA LEU B 123 7.08 -23.27 -6.21
C LEU B 123 6.09 -22.22 -6.63
N CYS B 124 4.84 -22.56 -6.45
CA CYS B 124 3.77 -21.62 -6.80
C CYS B 124 2.95 -21.38 -5.56
N TRP B 125 2.06 -20.44 -5.65
CA TRP B 125 1.18 -20.10 -4.53
C TRP B 125 -0.25 -20.12 -5.04
N ILE B 126 -1.16 -20.57 -4.19
CA ILE B 126 -2.60 -20.65 -4.51
C ILE B 126 -3.32 -19.94 -3.40
N SER B 127 -4.15 -18.97 -3.74
CA SER B 127 -4.91 -18.24 -2.75
C SER B 127 -6.39 -18.37 -3.07
N GLY B 128 -7.22 -18.20 -2.05
CA GLY B 128 -8.65 -18.26 -2.25
C GLY B 128 -9.43 -18.35 -0.97
N TRP B 129 -10.74 -18.15 -1.04
CA TRP B 129 -11.65 -18.23 0.12
C TRP B 129 -12.40 -19.55 0.02
N GLY B 130 -11.76 -20.53 -0.55
CA GLY B 130 -12.41 -21.83 -0.66
C GLY B 130 -12.31 -22.68 0.55
N ALA B 131 -12.75 -23.90 0.40
CA ALA B 131 -12.81 -24.80 1.56
C ALA B 131 -11.45 -25.15 2.12
N THR B 132 -11.35 -25.17 3.45
CA THR B 132 -10.10 -25.51 4.13
C THR B 132 -10.09 -27.03 4.33
N GLU B 133 -11.17 -27.70 3.97
CA GLU B 133 -11.19 -29.15 4.00
C GLU B 133 -12.17 -29.60 2.93
N GLU B 134 -11.94 -30.80 2.42
CA GLU B 134 -12.80 -31.31 1.34
C GLU B 134 -14.24 -31.35 1.80
N LYS B 135 -15.14 -31.10 0.86
CA LYS B 135 -16.58 -31.02 1.12
C LYS B 135 -16.89 -29.93 2.13
N GLY B 136 -15.88 -29.14 2.51
CA GLY B 136 -16.10 -28.12 3.49
C GLY B 136 -16.68 -26.88 2.88
N LYS B 137 -16.90 -25.90 3.75
CA LYS B 137 -17.62 -24.69 3.44
C LYS B 137 -16.67 -23.56 3.05
N THR B 138 -17.21 -22.57 2.34
CA THR B 138 -16.45 -21.38 1.99
C THR B 138 -15.76 -20.75 3.20
N SER B 139 -14.47 -20.48 3.06
CA SER B 139 -13.67 -19.91 4.13
C SER B 139 -13.99 -18.43 4.35
N GLU B 140 -13.90 -17.96 5.58
CA GLU B 140 -14.11 -16.55 5.87
C GLU B 140 -12.89 -15.75 5.45
N VAL B 141 -11.72 -16.19 5.87
CA VAL B 141 -10.52 -15.42 5.58
C VAL B 141 -9.87 -15.94 4.31
N LEU B 142 -9.33 -15.03 3.52
CA LEU B 142 -8.54 -15.42 2.36
C LEU B 142 -7.34 -16.25 2.82
N ASN B 143 -7.20 -17.45 2.26
CA ASN B 143 -6.11 -18.33 2.58
C ASN B 143 -5.20 -18.52 1.38
N ALA B 144 -3.97 -18.93 1.67
CA ALA B 144 -2.99 -19.15 0.62
C ALA B 144 -2.08 -20.29 1.04
N ALA B 145 -1.52 -20.98 0.04
CA ALA B 145 -0.67 -22.12 0.32
C ALA B 145 0.40 -22.23 -0.74
N LYS B 146 1.57 -22.70 -0.34
CA LYS B 146 2.65 -22.95 -1.30
C LYS B 146 2.35 -24.28 -1.96
N VAL B 147 2.40 -24.33 -3.27
CA VAL B 147 2.15 -25.55 -4.07
C VAL B 147 3.29 -25.64 -5.08
N LEU B 148 3.66 -26.83 -5.49
CA LEU B 148 4.68 -26.97 -6.52
C LEU B 148 3.99 -27.41 -7.80
N LEU B 149 4.49 -26.98 -8.93
CA LEU B 149 3.93 -27.38 -10.23
C LEU B 149 4.22 -28.88 -10.36
N ILE B 150 3.29 -29.63 -10.90
CA ILE B 150 3.52 -31.06 -11.21
C ILE B 150 3.52 -31.17 -12.73
N GLU B 151 4.63 -31.59 -13.31
CA GLU B 151 4.72 -31.74 -14.75
C GLU B 151 3.57 -32.58 -15.26
N THR B 152 2.96 -32.12 -16.36
CA THR B 152 1.78 -32.78 -16.90
C THR B 152 2.02 -34.26 -17.18
N GLN B 153 3.24 -34.64 -17.61
CA GLN B 153 3.53 -36.05 -17.81
C GLN B 153 3.32 -36.83 -16.52
N ARG B 154 3.69 -36.26 -15.38
CA ARG B 154 3.56 -36.95 -14.08
C ARG B 154 2.10 -36.88 -13.66
N CYS B 155 1.45 -35.79 -13.99
CA CYS B 155 0.06 -35.64 -13.60
C CYS B 155 -0.89 -36.48 -14.43
N ASN B 156 -0.50 -36.86 -15.64
CA ASN B 156 -1.28 -37.70 -16.53
C ASN B 156 -1.04 -39.18 -16.31
N SER B 157 -0.31 -39.55 -15.26
CA SER B 157 -0.10 -40.95 -14.94
C SER B 157 -1.42 -41.60 -14.55
N ARG B 158 -1.51 -42.92 -14.78
CA ARG B 158 -2.74 -43.63 -14.45
C ARG B 158 -3.05 -43.55 -12.96
N TYR B 159 -2.01 -43.38 -12.14
CA TYR B 159 -2.16 -43.26 -10.70
C TYR B 159 -2.48 -41.84 -10.24
N VAL B 160 -2.56 -40.90 -11.16
CA VAL B 160 -2.94 -39.50 -10.79
C VAL B 160 -4.23 -38.99 -11.42
N TYR B 161 -4.18 -38.63 -12.69
CA TYR B 161 -5.39 -38.17 -13.36
C TYR B 161 -5.62 -38.84 -14.71
N ASP B 162 -4.72 -39.74 -15.13
CA ASP B 162 -4.94 -40.65 -16.25
C ASP B 162 -5.35 -39.88 -17.51
N ASN B 163 -4.39 -39.12 -18.03
CA ASN B 163 -4.49 -38.48 -19.33
C ASN B 163 -5.60 -37.44 -19.41
N LEU B 164 -6.09 -36.97 -18.27
CA LEU B 164 -7.15 -35.96 -18.24
C LEU B 164 -6.62 -34.54 -18.16
N ILE B 165 -5.30 -34.36 -18.12
CA ILE B 165 -4.69 -33.03 -18.04
C ILE B 165 -4.33 -32.61 -19.46
N THR B 166 -5.09 -31.66 -19.98
CA THR B 166 -4.90 -31.18 -21.34
C THR B 166 -3.76 -30.17 -21.38
N PRO B 167 -3.25 -29.84 -22.58
CA PRO B 167 -2.25 -28.77 -22.66
C PRO B 167 -2.74 -27.43 -22.14
N ALA B 168 -4.04 -27.27 -21.97
CA ALA B 168 -4.61 -26.01 -21.46
C ALA B 168 -4.78 -26.17 -19.95
N MET B 169 -4.13 -27.17 -19.40
CA MET B 169 -4.26 -27.46 -17.98
C MET B 169 -2.88 -27.69 -17.41
N ILE B 170 -2.63 -27.19 -16.21
CA ILE B 170 -1.39 -27.39 -15.48
C ILE B 170 -1.71 -27.88 -14.08
N CYS B 171 -0.83 -28.70 -13.53
CA CYS B 171 -1.04 -29.32 -12.25
C CYS B 171 -0.15 -28.67 -11.21
N ALA B 172 -0.69 -28.46 -10.02
CA ALA B 172 0.05 -27.84 -8.94
C ALA B 172 -0.46 -28.40 -7.63
N GLY B 173 0.46 -28.50 -6.67
CA GLY B 173 0.14 -29.05 -5.37
C GLY B 173 1.16 -30.07 -4.95
N PHE B 174 0.71 -31.16 -4.33
CA PHE B 174 1.59 -32.19 -3.83
C PHE B 174 0.94 -33.54 -4.07
N LEU B 175 1.72 -34.48 -4.61
CA LEU B 175 1.16 -35.80 -4.90
C LEU B 175 0.78 -36.54 -3.62
N GLN B 176 1.31 -36.12 -2.48
CA GLN B 176 0.92 -36.64 -1.17
C GLN B 176 -0.39 -36.02 -0.69
N GLY B 177 -0.82 -34.91 -1.31
CA GLY B 177 -1.98 -34.17 -0.86
C GLY B 177 -1.70 -33.18 0.26
N ASN B 178 -2.62 -33.11 1.21
CA ASN B 178 -2.46 -32.25 2.41
C ASN B 178 -2.61 -30.77 2.05
N VAL B 179 -2.00 -30.31 0.97
CA VAL B 179 -2.04 -28.92 0.54
C VAL B 179 -2.58 -28.88 -0.88
N ASP B 180 -3.75 -28.27 -1.06
CA ASP B 180 -4.39 -28.22 -2.36
C ASP B 180 -5.32 -27.01 -2.41
N SER B 181 -5.96 -26.85 -3.56
CA SER B 181 -7.10 -25.96 -3.72
C SER B 181 -8.38 -26.78 -3.58
N CYS B 182 -9.50 -26.10 -3.44
CA CYS B 182 -10.71 -26.84 -3.10
C CYS B 182 -11.92 -26.06 -3.62
N GLN B 183 -13.10 -26.46 -3.14
CA GLN B 183 -14.35 -25.79 -3.50
C GLN B 183 -14.26 -24.32 -3.13
N GLY B 184 -14.50 -23.45 -4.11
CA GLY B 184 -14.50 -22.02 -3.87
C GLY B 184 -13.22 -21.31 -4.25
N ASP B 185 -12.10 -22.02 -4.38
CA ASP B 185 -10.91 -21.40 -4.95
C ASP B 185 -10.98 -21.31 -6.46
N SER B 186 -12.05 -21.81 -7.05
CA SER B 186 -12.24 -21.84 -8.49
C SER B 186 -11.96 -20.47 -9.09
N GLY B 187 -11.21 -20.47 -10.20
CA GLY B 187 -10.83 -19.25 -10.86
C GLY B 187 -9.73 -18.48 -10.16
N GLY B 188 -9.32 -18.93 -8.98
CA GLY B 188 -8.35 -18.21 -8.20
C GLY B 188 -6.97 -18.29 -8.80
N PRO B 189 -6.02 -17.56 -8.19
CA PRO B 189 -4.67 -17.48 -8.76
C PRO B 189 -3.83 -18.71 -8.42
N LEU B 190 -3.24 -19.31 -9.45
CA LEU B 190 -2.05 -20.13 -9.29
C LEU B 190 -0.91 -19.25 -9.78
N VAL B 191 -0.18 -18.66 -8.85
CA VAL B 191 0.81 -17.63 -9.15
C VAL B 191 2.17 -18.07 -8.65
N THR B 192 3.21 -17.74 -9.40
CA THR B 192 4.58 -18.02 -9.00
C THR B 192 5.39 -16.73 -9.04
N SER B 193 6.49 -16.73 -8.28
CA SER B 193 7.42 -15.61 -8.28
C SER B 193 8.60 -15.95 -9.17
N LYS B 194 8.97 -14.97 -10.00
CA LYS B 194 10.14 -15.08 -10.90
C LYS B 194 10.55 -13.66 -11.28
N ASN B 195 11.82 -13.32 -11.13
CA ASN B 195 12.33 -11.97 -11.43
C ASN B 195 11.66 -10.97 -10.50
N ASN B 196 11.41 -11.38 -9.27
CA ASN B 196 10.79 -10.50 -8.25
C ASN B 196 9.46 -10.00 -8.77
N ILE B 197 8.87 -10.78 -9.66
CA ILE B 197 7.51 -10.48 -10.19
C ILE B 197 6.63 -11.73 -9.99
N TRP B 198 5.39 -11.53 -9.57
CA TRP B 198 4.42 -12.62 -9.45
C TRP B 198 3.71 -12.81 -10.79
N TRP B 199 3.62 -14.04 -11.22
CA TRP B 199 3.06 -14.33 -12.55
C TRP B 199 1.87 -15.26 -12.40
N LEU B 200 0.75 -14.87 -12.99
CA LEU B 200 -0.44 -15.72 -13.00
C LEU B 200 -0.14 -16.91 -13.88
N ILE B 201 0.19 -18.04 -13.27
CA ILE B 201 0.54 -19.22 -14.04
C ILE B 201 -0.70 -20.07 -14.33
N GLY B 202 -1.66 -20.08 -13.43
CA GLY B 202 -2.88 -20.85 -13.64
C GLY B 202 -4.03 -20.21 -12.91
N ASP B 203 -5.24 -20.54 -13.36
CA ASP B 203 -6.45 -20.23 -12.63
C ASP B 203 -7.05 -21.54 -12.12
N THR B 204 -7.47 -21.54 -10.88
CA THR B 204 -7.99 -22.76 -10.24
C THR B 204 -9.12 -23.36 -11.05
N SER B 205 -8.90 -24.56 -11.53
CA SER B 205 -9.90 -25.18 -12.40
C SER B 205 -10.59 -26.34 -11.69
N TRP B 206 -9.89 -27.45 -11.46
CA TRP B 206 -10.54 -28.62 -10.92
C TRP B 206 -9.53 -29.51 -10.21
N GLY B 207 -10.03 -30.64 -9.70
CA GLY B 207 -9.24 -31.65 -9.03
C GLY B 207 -10.19 -32.63 -8.37
N SER B 208 -9.74 -33.87 -8.21
CA SER B 208 -10.57 -34.87 -7.53
C SER B 208 -10.39 -34.73 -6.03
N GLY B 209 -11.47 -34.39 -5.35
CA GLY B 209 -11.37 -34.15 -3.93
C GLY B 209 -10.54 -32.91 -3.67
N CYS B 210 -10.05 -32.79 -2.43
CA CYS B 210 -9.17 -31.71 -2.06
C CYS B 210 -8.08 -32.27 -1.16
N ALA B 211 -6.84 -32.07 -1.56
CA ALA B 211 -5.68 -32.48 -0.74
C ALA B 211 -5.58 -34.00 -0.60
N LYS B 212 -6.17 -34.71 -1.54
CA LYS B 212 -6.02 -36.16 -1.54
C LYS B 212 -4.72 -36.54 -2.23
N ALA B 213 -4.11 -37.62 -1.72
CA ALA B 213 -2.88 -38.12 -2.32
C ALA B 213 -3.13 -38.54 -3.76
N TYR B 214 -2.17 -38.22 -4.63
CA TYR B 214 -2.23 -38.55 -6.05
C TYR B 214 -3.41 -37.88 -6.75
N ARG B 215 -4.03 -36.91 -6.08
CA ARG B 215 -5.18 -36.15 -6.64
C ARG B 215 -4.84 -34.65 -6.52
N PRO B 216 -3.84 -34.07 -7.23
CA PRO B 216 -3.44 -32.68 -7.00
C PRO B 216 -4.43 -31.72 -7.64
N GLY B 217 -4.14 -30.43 -7.51
CA GLY B 217 -4.97 -29.42 -8.13
C GLY B 217 -4.60 -29.24 -9.59
N VAL B 218 -5.63 -29.11 -10.42
CA VAL B 218 -5.46 -28.92 -11.85
C VAL B 218 -5.86 -27.48 -12.17
N TYR B 219 -5.00 -26.75 -12.84
CA TYR B 219 -5.27 -25.33 -13.11
C TYR B 219 -5.24 -25.09 -14.61
N GLY B 220 -6.06 -24.17 -15.06
CA GLY B 220 -6.04 -23.77 -16.45
C GLY B 220 -4.74 -23.05 -16.77
N ASN B 221 -4.06 -23.50 -17.81
CA ASN B 221 -2.76 -22.94 -18.17
C ASN B 221 -2.91 -21.53 -18.73
N VAL B 222 -2.81 -20.52 -17.89
CA VAL B 222 -2.99 -19.10 -18.32
C VAL B 222 -2.00 -18.76 -19.44
N MET B 223 -0.83 -19.39 -19.44
CA MET B 223 0.10 -19.14 -20.53
C MET B 223 -0.52 -19.47 -21.88
N VAL B 224 -1.21 -20.61 -21.98
CA VAL B 224 -1.86 -20.97 -23.23
C VAL B 224 -2.98 -19.98 -23.55
N PHE B 225 -3.52 -19.35 -22.54
CA PHE B 225 -4.70 -18.49 -22.75
C PHE B 225 -4.34 -17.02 -22.89
N THR B 226 -3.07 -16.67 -22.77
CA THR B 226 -2.68 -15.27 -22.81
C THR B 226 -3.11 -14.60 -24.10
N ASP B 227 -2.93 -15.28 -25.24
CA ASP B 227 -3.34 -14.71 -26.51
C ASP B 227 -4.82 -14.41 -26.53
N TRP B 228 -5.64 -15.38 -26.10
CA TRP B 228 -7.07 -15.14 -25.99
C TRP B 228 -7.37 -13.98 -25.05
N ILE B 229 -6.66 -13.91 -23.92
CA ILE B 229 -6.86 -12.80 -22.98
C ILE B 229 -6.51 -11.47 -23.64
N TYR B 230 -5.36 -11.43 -24.32
CA TYR B 230 -4.95 -10.18 -24.96
C TYR B 230 -5.93 -9.76 -26.05
N ARG B 231 -6.48 -10.73 -26.74
CA ARG B 231 -7.43 -10.44 -27.82
C ARG B 231 -8.74 -9.93 -27.24
N GLN B 232 -9.22 -10.53 -26.16
CA GLN B 232 -10.48 -10.11 -25.57
C GLN B 232 -10.35 -8.74 -24.92
N MET B 233 -9.20 -8.45 -24.31
CA MET B 233 -9.00 -7.14 -23.69
C MET B 233 -8.85 -6.05 -24.75
N ARG B 234 -8.09 -6.34 -25.81
CA ARG B 234 -7.91 -5.37 -26.88
C ARG B 234 -9.22 -5.09 -27.58
N ALA B 235 -10.03 -6.13 -27.80
CA ALA B 235 -11.32 -5.95 -28.45
C ALA B 235 -12.24 -5.09 -27.60
N ASP B 236 -12.19 -5.26 -26.28
CA ASP B 236 -13.01 -4.41 -25.41
C ASP B 236 -12.53 -2.97 -25.45
N GLY B 237 -11.21 -2.77 -25.47
CA GLY B 237 -10.68 -1.42 -25.58
C GLY B 237 -11.06 -0.77 -26.89
N GLU B 238 -11.08 -1.55 -27.97
CA GLU B 238 -11.48 -1.02 -29.27
C GLU B 238 -12.97 -0.72 -29.30
N PHE B 239 -13.79 -1.59 -28.70
CA PHE B 239 -15.24 -1.42 -28.79
C PHE B 239 -15.71 -0.21 -27.98
N VAL B 240 -15.17 -0.02 -26.77
CA VAL B 240 -15.58 1.11 -25.95
C VAL B 240 -14.91 2.40 -26.37
N GLU B 241 -13.79 2.32 -27.11
CA GLU B 241 -13.24 3.51 -27.76
C GLU B 241 -14.30 4.18 -28.62
N HIS B 242 -15.04 3.39 -29.39
CA HIS B 242 -16.06 3.87 -30.33
C HIS B 242 -15.49 4.88 -31.31
N CYS C 5 9.32 28.13 35.30
CA CYS C 5 10.34 28.41 36.30
C CYS C 5 9.83 28.29 37.72
N SER C 6 10.05 29.35 38.49
CA SER C 6 9.82 29.34 39.92
C SER C 6 8.34 29.46 40.25
N ASN C 7 7.96 28.87 41.39
CA ASN C 7 6.58 28.85 41.87
C ASN C 7 5.63 28.35 40.78
N SER C 8 6.06 27.26 40.15
CA SER C 8 5.22 26.60 39.12
C SER C 8 4.95 27.54 37.96
N GLY C 9 5.94 28.38 37.67
CA GLY C 9 5.81 29.31 36.54
C GLY C 9 5.92 28.63 35.20
N ILE C 10 5.35 29.23 34.18
CA ILE C 10 5.34 28.64 32.80
C ILE C 10 6.23 29.48 31.88
N GLU C 11 7.16 28.83 31.20
CA GLU C 11 8.07 29.55 30.32
C GLU C 11 7.51 29.67 28.91
N CYS C 12 7.70 30.83 28.29
CA CYS C 12 7.33 31.02 26.89
C CYS C 12 8.51 31.49 26.07
N ASP C 13 8.84 32.80 26.19
CA ASP C 13 9.93 33.45 25.41
C ASP C 13 11.30 33.14 26.00
N SER C 14 11.76 31.91 25.86
CA SER C 14 13.02 31.46 26.45
C SER C 14 14.19 32.39 26.10
N THR C 17 11.12 33.60 29.14
CA THR C 17 10.37 34.56 29.97
C THR C 17 9.33 33.73 30.68
N CYS C 18 9.46 33.60 31.99
CA CYS C 18 8.53 32.78 32.75
C CYS C 18 7.40 33.64 33.30
N ILE C 19 6.18 33.12 33.14
CA ILE C 19 4.95 33.87 33.48
C ILE C 19 4.27 33.13 34.62
N ASN C 20 3.65 33.86 35.54
CA ASN C 20 2.92 33.24 36.67
C ASN C 20 1.79 32.39 36.12
N PRO C 21 1.55 31.15 36.64
CA PRO C 21 0.40 30.38 36.21
C PRO C 21 -0.96 31.10 36.27
N SER C 22 -1.06 32.17 37.05
CA SER C 22 -2.32 32.95 37.16
C SER C 22 -2.46 33.82 35.93
N ASN C 23 -1.35 34.10 35.30
CA ASN C 23 -1.35 34.91 34.09
C ASN C 23 -1.35 34.08 32.82
N TRP C 24 -1.38 32.77 32.96
CA TRP C 24 -1.50 31.89 31.78
C TRP C 24 -2.98 31.82 31.45
N CYS C 25 -3.33 32.20 30.25
CA CYS C 25 -4.71 32.13 29.75
C CYS C 25 -5.64 33.04 30.56
N ASP C 26 -5.18 34.25 30.88
CA ASP C 26 -5.98 35.22 31.59
C ASP C 26 -6.54 36.31 30.69
N GLY C 27 -6.25 36.25 29.39
CA GLY C 27 -6.78 37.21 28.42
C GLY C 27 -5.78 38.28 28.00
N VAL C 28 -4.72 38.49 28.77
CA VAL C 28 -3.70 39.50 28.48
C VAL C 28 -2.44 38.78 28.02
N SER C 29 -1.96 39.12 26.84
CA SER C 29 -0.75 38.49 26.31
C SER C 29 0.45 39.00 27.10
N HIS C 30 0.92 38.20 28.05
CA HIS C 30 2.11 38.54 28.81
C HIS C 30 3.40 38.08 28.11
N CYS C 31 3.29 37.22 27.09
CA CYS C 31 4.45 36.83 26.30
C CYS C 31 4.46 37.56 24.97
N PRO C 32 5.64 37.90 24.45
CA PRO C 32 5.71 38.58 23.15
C PRO C 32 5.20 37.75 21.99
N GLY C 33 5.39 36.44 22.04
CA GLY C 33 4.87 35.54 21.03
C GLY C 33 3.47 35.02 21.28
N GLY C 34 2.78 35.55 22.29
CA GLY C 34 1.44 35.10 22.59
C GLY C 34 1.34 33.67 23.07
N GLU C 35 2.45 33.04 23.43
CA GLU C 35 2.43 31.64 23.86
C GLU C 35 1.54 31.42 25.07
N ASP C 36 1.33 32.45 25.89
CA ASP C 36 0.50 32.31 27.08
C ASP C 36 -0.98 32.33 26.79
N GLU C 37 -1.39 32.73 25.58
CA GLU C 37 -2.81 32.85 25.25
C GLU C 37 -3.24 32.08 24.02
N ASN C 38 -2.33 31.33 23.36
CA ASN C 38 -2.69 30.58 22.16
C ASN C 38 -2.78 29.07 22.40
N ARG C 39 -2.35 28.59 23.56
CA ARG C 39 -2.42 27.17 23.90
C ARG C 39 -3.23 27.00 25.17
N CYS C 40 -4.47 27.48 25.15
CA CYS C 40 -5.29 27.52 26.35
C CYS C 40 -6.37 26.43 26.38
N VAL C 41 -6.56 25.72 25.27
CA VAL C 41 -7.43 24.56 25.21
C VAL C 41 -6.61 23.38 24.75
N ARG C 42 -6.88 22.23 25.36
CA ARG C 42 -6.13 21.02 25.05
C ARG C 42 -7.05 19.81 25.10
N LEU C 43 -6.64 18.74 24.44
CA LEU C 43 -7.37 17.47 24.60
C LEU C 43 -6.53 16.71 25.63
N TYR C 44 -7.15 16.05 26.60
CA TYR C 44 -6.47 15.39 27.70
C TYR C 44 -6.78 13.90 27.71
N GLY C 45 -5.74 13.10 27.90
CA GLY C 45 -5.90 11.71 28.20
C GLY C 45 -6.26 10.88 26.99
N PRO C 46 -6.26 9.56 27.16
CA PRO C 46 -6.63 8.67 26.05
C PRO C 46 -8.09 8.73 25.65
N ASN C 47 -8.89 9.58 26.28
CA ASN C 47 -10.30 9.74 25.94
C ASN C 47 -10.58 11.13 25.38
N PHE C 48 -9.53 11.91 25.16
CA PHE C 48 -9.67 13.22 24.50
C PHE C 48 -10.61 14.12 25.30
N ILE C 49 -10.49 14.06 26.62
CA ILE C 49 -11.26 14.94 27.48
C ILE C 49 -10.82 16.37 27.21
N LEU C 50 -11.72 17.20 26.71
CA LEU C 50 -11.39 18.57 26.39
C LEU C 50 -11.09 19.35 27.67
N GLN C 51 -9.95 20.03 27.70
CA GLN C 51 -9.53 20.77 28.87
C GLN C 51 -9.14 22.19 28.48
N VAL C 52 -9.45 23.10 29.40
CA VAL C 52 -9.16 24.56 29.26
C VAL C 52 -8.38 24.96 30.50
N TYR C 53 -7.34 25.77 30.35
CA TYR C 53 -6.58 26.26 31.49
C TYR C 53 -7.38 27.36 32.18
N SER C 54 -7.53 27.22 33.50
CA SER C 54 -8.19 28.23 34.32
C SER C 54 -7.12 29.16 34.89
N SER C 55 -7.19 30.45 34.51
CA SER C 55 -6.26 31.44 35.04
C SER C 55 -6.37 31.56 36.54
N GLN C 56 -7.60 31.49 37.09
CA GLN C 56 -7.79 31.66 38.52
C GLN C 56 -7.27 30.46 39.28
N ARG C 57 -7.71 29.26 38.90
CA ARG C 57 -7.33 28.04 39.59
C ARG C 57 -5.94 27.54 39.20
N LYS C 58 -5.23 28.23 38.30
CA LYS C 58 -3.83 27.92 38.02
C LYS C 58 -3.66 26.47 37.53
N SER C 59 -4.65 25.94 36.82
CA SER C 59 -4.67 24.52 36.48
C SER C 59 -5.57 24.29 35.27
N TRP C 60 -5.39 23.14 34.63
CA TRP C 60 -6.23 22.72 33.52
C TRP C 60 -7.47 22.03 34.06
N HIS C 61 -8.62 22.27 33.42
CA HIS C 61 -9.87 21.75 33.96
C HIS C 61 -10.82 21.29 32.86
N PRO C 62 -11.48 20.15 33.07
CA PRO C 62 -12.39 19.62 32.06
C PRO C 62 -13.60 20.50 31.81
N VAL C 63 -14.05 20.53 30.58
CA VAL C 63 -15.21 21.31 30.18
C VAL C 63 -16.48 20.51 30.43
N CYS C 64 -17.50 21.19 30.94
CA CYS C 64 -18.82 20.60 31.10
C CYS C 64 -19.50 20.46 29.75
N GLN C 65 -20.36 19.45 29.63
CA GLN C 65 -21.08 19.29 28.37
C GLN C 65 -22.22 20.29 28.24
N ASP C 66 -22.33 21.16 29.24
CA ASP C 66 -23.46 22.12 29.30
C ASP C 66 -23.39 23.12 28.17
N ASP C 67 -24.49 23.24 27.42
CA ASP C 67 -24.57 24.25 26.33
C ASP C 67 -23.46 24.03 25.30
N TRP C 68 -22.78 22.89 25.39
CA TRP C 68 -21.76 22.56 24.37
C TRP C 68 -22.44 21.97 23.15
N ASN C 69 -22.12 22.48 21.98
CA ASN C 69 -22.67 21.88 20.74
C ASN C 69 -21.52 21.45 19.85
N GLU C 70 -21.86 20.92 18.68
CA GLU C 70 -20.83 20.46 17.71
C GLU C 70 -20.06 21.70 17.23
N ASN C 71 -20.73 22.83 17.15
CA ASN C 71 -20.09 24.06 16.64
C ASN C 71 -19.21 24.69 17.73
N TYR C 72 -19.51 24.46 18.99
CA TYR C 72 -18.60 24.99 20.03
C TYR C 72 -17.29 24.23 19.90
N GLY C 73 -17.39 22.95 19.54
CA GLY C 73 -16.19 22.12 19.44
C GLY C 73 -15.39 22.45 18.21
N ARG C 74 -16.05 22.76 17.11
CA ARG C 74 -15.28 23.14 15.92
C ARG C 74 -14.44 24.38 16.17
N ALA C 75 -14.89 25.25 17.08
CA ALA C 75 -14.07 26.39 17.47
C ALA C 75 -12.89 25.93 18.32
N ALA C 76 -13.11 24.96 19.22
CA ALA C 76 -12.00 24.45 20.04
C ALA C 76 -10.95 23.79 19.17
N CYS C 77 -11.38 23.07 18.13
CA CYS C 77 -10.44 22.53 17.16
C CYS C 77 -9.74 23.66 16.42
N ARG C 78 -10.47 24.72 16.10
CA ARG C 78 -9.86 25.90 15.48
C ARG C 78 -8.84 26.55 16.42
N ASP C 79 -9.15 26.62 17.71
CA ASP C 79 -8.25 27.26 18.66
C ASP C 79 -7.03 26.41 18.98
N MET C 80 -7.01 25.15 18.53
CA MET C 80 -5.85 24.29 18.73
C MET C 80 -5.05 24.07 17.45
N GLY C 81 -5.45 24.69 16.34
CA GLY C 81 -4.72 24.56 15.11
C GLY C 81 -5.23 23.52 14.15
N TYR C 82 -6.36 22.88 14.46
CA TYR C 82 -6.94 21.89 13.56
C TYR C 82 -7.84 22.52 12.51
N LYS C 83 -7.96 23.83 12.57
CA LYS C 83 -8.74 24.58 11.56
C LYS C 83 -10.14 23.97 11.40
N ASN C 84 -10.51 23.67 10.17
CA ASN C 84 -11.84 23.14 9.86
C ASN C 84 -11.91 21.63 10.01
N ASN C 85 -10.87 21.01 10.58
CA ASN C 85 -10.92 19.58 10.86
C ASN C 85 -11.75 19.38 12.12
N PHE C 86 -12.84 18.63 11.98
CA PHE C 86 -13.70 18.28 13.14
C PHE C 86 -14.24 16.87 12.96
N TYR C 87 -14.14 16.05 14.00
CA TYR C 87 -14.71 14.72 13.98
C TYR C 87 -15.82 14.56 15.02
N SER C 88 -15.47 14.77 16.27
CA SER C 88 -16.48 14.51 17.30
C SER C 88 -16.29 15.33 18.54
N SER C 89 -17.36 15.66 19.21
CA SER C 89 -17.36 16.15 20.58
C SER C 89 -18.54 15.47 21.27
N GLN C 90 -18.24 14.53 22.15
CA GLN C 90 -19.28 13.77 22.85
C GLN C 90 -19.13 13.99 24.36
N GLY C 91 -20.16 13.55 25.09
CA GLY C 91 -20.16 13.68 26.54
C GLY C 91 -19.52 12.48 27.22
N ILE C 92 -18.83 12.79 28.33
CA ILE C 92 -18.13 11.82 29.20
C ILE C 92 -17.71 10.53 28.51
N SER C 100 -13.31 19.75 39.61
CA SER C 100 -13.48 21.10 39.07
C SER C 100 -13.82 21.03 37.59
N PHE C 101 -14.74 21.88 37.15
CA PHE C 101 -15.15 21.90 35.75
C PHE C 101 -15.22 23.34 35.25
N MET C 102 -15.11 23.49 33.94
CA MET C 102 -15.21 24.77 33.25
C MET C 102 -16.48 24.74 32.41
N LYS C 103 -17.32 25.76 32.64
CA LYS C 103 -18.66 25.81 32.02
C LYS C 103 -18.75 26.97 31.06
N LEU C 104 -19.62 26.86 30.07
CA LEU C 104 -19.72 27.86 29.03
C LEU C 104 -20.56 29.07 29.46
N ASN C 105 -20.38 30.17 28.72
CA ASN C 105 -21.13 31.43 28.96
C ASN C 105 -21.17 32.20 27.63
N THR C 106 -22.36 32.40 27.05
CA THR C 106 -22.50 33.07 25.76
C THR C 106 -21.94 34.49 25.85
N SER C 107 -20.91 34.78 25.06
CA SER C 107 -20.22 36.06 25.10
C SER C 107 -19.32 36.22 23.88
N VAL C 111 -13.77 35.70 22.53
CA VAL C 111 -14.40 34.91 21.44
C VAL C 111 -13.62 33.62 21.25
N ASP C 112 -12.39 33.55 21.74
CA ASP C 112 -11.66 32.26 21.73
C ASP C 112 -12.34 31.42 22.80
N ILE C 113 -12.27 30.09 22.74
CA ILE C 113 -13.09 29.26 23.67
C ILE C 113 -12.65 29.46 25.11
N TYR C 114 -11.35 29.57 25.35
CA TYR C 114 -10.85 29.67 26.72
C TYR C 114 -11.33 30.94 27.40
N LYS C 115 -11.86 31.85 26.59
CA LYS C 115 -12.36 33.13 27.12
C LYS C 115 -13.88 33.07 27.26
N LYS C 116 -14.56 32.01 26.80
CA LYS C 116 -15.97 31.82 27.06
C LYS C 116 -16.27 30.66 28.02
N LEU C 117 -15.30 30.38 28.87
CA LEU C 117 -15.46 29.28 29.83
C LEU C 117 -15.19 29.89 31.21
N TYR C 118 -15.86 29.42 32.26
CA TYR C 118 -15.66 29.96 33.60
C TYR C 118 -15.63 28.79 34.56
N HIS C 119 -14.76 28.89 35.57
CA HIS C 119 -14.63 27.83 36.56
C HIS C 119 -15.95 27.62 37.28
N SER C 120 -16.29 26.36 37.54
CA SER C 120 -17.51 26.04 38.27
C SER C 120 -17.34 24.70 38.97
N ASP C 121 -18.09 24.54 40.06
CA ASP C 121 -18.14 23.31 40.82
C ASP C 121 -19.38 22.48 40.54
N ALA C 122 -20.32 22.98 39.72
CA ALA C 122 -21.50 22.24 39.34
C ALA C 122 -21.34 21.88 37.88
N CYS C 123 -22.04 20.84 37.44
CA CYS C 123 -21.99 20.47 36.03
C CYS C 123 -23.34 19.83 35.75
N SER C 124 -24.26 20.62 35.19
CA SER C 124 -25.66 20.18 34.97
C SER C 124 -25.77 18.95 34.07
N SER C 125 -24.87 18.83 33.09
CA SER C 125 -24.91 17.67 32.19
C SER C 125 -24.31 16.42 32.83
N LYS C 126 -23.49 16.55 33.87
CA LYS C 126 -22.76 15.47 34.51
C LYS C 126 -21.74 14.82 33.57
N ALA C 127 -21.46 15.44 32.43
CA ALA C 127 -20.59 14.88 31.41
C ALA C 127 -19.59 15.94 30.97
N VAL C 128 -18.40 15.49 30.61
CA VAL C 128 -17.39 16.38 30.07
C VAL C 128 -17.32 16.18 28.57
N VAL C 129 -16.75 17.16 27.88
CA VAL C 129 -16.62 17.11 26.43
C VAL C 129 -15.43 16.24 26.08
N SER C 130 -15.67 15.20 25.28
CA SER C 130 -14.61 14.44 24.64
C SER C 130 -14.58 14.89 23.19
N LEU C 131 -13.59 15.72 22.89
CA LEU C 131 -13.53 16.32 21.54
C LEU C 131 -12.50 15.62 20.67
N ARG C 132 -12.90 15.18 19.50
CA ARG C 132 -11.96 14.58 18.55
C ARG C 132 -11.91 15.53 17.37
N CYS C 133 -10.88 16.31 17.31
CA CYS C 133 -10.68 17.30 16.26
C CYS C 133 -10.38 16.64 14.93
N ILE C 134 -9.85 15.42 14.97
CA ILE C 134 -9.48 14.69 13.76
C ILE C 134 -9.56 13.20 14.09
N ALA C 135 -10.13 12.44 13.16
CA ALA C 135 -10.25 10.99 13.34
C ALA C 135 -8.88 10.38 13.09
N CYS C 136 -8.11 10.18 14.16
CA CYS C 136 -6.75 9.71 14.06
C CYS C 136 -6.58 8.47 14.93
N GLY C 137 -5.41 7.86 14.83
CA GLY C 137 -5.06 6.79 15.73
C GLY C 137 -5.69 5.45 15.41
N VAL C 138 -6.20 5.31 14.20
CA VAL C 138 -6.84 4.03 13.78
C VAL C 138 -6.05 3.42 12.63
N ASN C 139 -5.59 2.19 12.82
CA ASN C 139 -4.87 1.48 11.73
C ASN C 139 -5.86 0.47 11.17
N LEU C 140 -5.92 0.35 9.85
CA LEU C 140 -6.82 -0.66 9.22
C LEU C 140 -6.52 -2.00 9.86
N ASN C 141 -5.25 -2.26 10.18
CA ASN C 141 -4.83 -3.57 10.75
C ASN C 141 -5.01 -3.59 12.26
N ASP C 142 -6.23 -3.46 12.77
CA ASP C 142 -6.42 -3.39 14.24
C ASP C 142 -6.01 -4.73 14.88
N ILE D 1 14.70 1.00 9.63
CA ILE D 1 14.33 0.07 10.68
C ILE D 1 15.15 -1.21 10.59
N VAL D 2 16.03 -1.38 11.59
CA VAL D 2 16.83 -2.62 11.75
C VAL D 2 16.08 -3.48 12.76
N GLY D 3 16.17 -4.78 12.61
CA GLY D 3 15.58 -5.69 13.58
C GLY D 3 14.07 -5.80 13.50
N GLY D 4 13.44 -5.21 12.49
CA GLY D 4 12.01 -5.19 12.38
C GLY D 4 11.49 -6.13 11.31
N GLU D 5 10.35 -5.78 10.72
CA GLU D 5 9.70 -6.65 9.74
C GLU D 5 8.99 -5.77 8.72
N SER D 6 8.79 -6.34 7.53
CA SER D 6 8.05 -5.63 6.50
C SER D 6 6.67 -5.24 7.04
N ALA D 7 6.34 -3.99 6.90
CA ALA D 7 5.06 -3.49 7.41
C ALA D 7 3.91 -3.91 6.51
N LEU D 8 2.77 -4.10 7.12
CA LEU D 8 1.61 -4.48 6.34
C LEU D 8 0.94 -3.26 5.73
N PRO D 9 0.33 -3.40 4.56
CA PRO D 9 -0.42 -2.29 3.96
C PRO D 9 -1.48 -1.77 4.93
N GLY D 10 -1.41 -0.48 5.23
CA GLY D 10 -2.37 0.13 6.11
C GLY D 10 -2.06 -0.03 7.59
N ALA D 11 -0.98 -0.73 7.93
CA ALA D 11 -0.60 -0.88 9.33
C ALA D 11 -0.14 0.45 9.92
N TRP D 12 0.58 1.25 9.13
CA TRP D 12 1.07 2.55 9.57
C TRP D 12 0.60 3.60 8.59
N PRO D 13 -0.73 3.94 8.61
CA PRO D 13 -1.27 4.85 7.61
C PRO D 13 -0.83 6.29 7.75
N TRP D 14 -0.06 6.57 8.78
CA TRP D 14 0.40 7.94 9.08
C TRP D 14 1.79 8.11 8.51
N GLN D 15 2.43 7.00 8.23
CA GLN D 15 3.80 7.04 7.72
C GLN D 15 3.83 7.60 6.31
N VAL D 16 4.65 8.61 6.10
CA VAL D 16 4.85 9.18 4.77
C VAL D 16 6.34 9.13 4.47
N SER D 17 6.65 8.84 3.21
CA SER D 17 8.01 8.94 2.71
C SER D 17 8.18 10.35 2.15
N LEU D 18 9.14 11.06 2.73
CA LEU D 18 9.45 12.39 2.22
C LEU D 18 10.57 12.26 1.18
N HIS D 19 10.35 12.85 0.01
CA HIS D 19 11.28 12.68 -1.10
C HIS D 19 11.86 14.03 -1.46
N VAL D 20 13.14 14.00 -1.79
CA VAL D 20 13.85 15.12 -2.39
C VAL D 20 14.67 14.58 -3.54
N GLN D 21 14.67 15.20 -4.71
CA GLN D 21 15.55 14.74 -5.83
C GLN D 21 15.15 13.31 -6.20
N ASN D 22 13.87 13.02 -6.09
CA ASN D 22 13.29 11.72 -6.46
C ASN D 22 13.74 10.55 -5.60
N VAL D 23 14.28 10.74 -4.39
CA VAL D 23 14.67 9.62 -3.53
C VAL D 23 14.17 9.88 -2.12
N HIS D 24 13.86 8.80 -1.41
CA HIS D 24 13.48 8.89 -0.01
C HIS D 24 14.59 9.55 0.80
N VAL D 25 14.23 10.52 1.62
CA VAL D 25 15.23 11.18 2.50
C VAL D 25 14.76 11.01 3.94
N CYS D 26 13.47 11.11 4.18
CA CYS D 26 12.97 11.09 5.55
C CYS D 26 11.58 10.51 5.70
N GLY D 27 11.27 9.92 6.85
CA GLY D 27 9.91 9.55 7.14
C GLY D 27 9.16 10.68 7.80
N GLY D 28 7.85 10.52 7.90
CA GLY D 28 7.01 11.54 8.48
C GLY D 28 5.75 10.90 9.04
N SER D 29 5.01 11.69 9.79
CA SER D 29 3.79 11.24 10.44
C SER D 29 2.67 12.22 10.10
N ILE D 30 1.64 11.71 9.42
CA ILE D 30 0.46 12.53 9.14
C ILE D 30 -0.25 12.81 10.46
N ILE D 31 -0.53 14.09 10.72
CA ILE D 31 -1.29 14.45 11.90
C ILE D 31 -2.60 15.10 11.48
N THR D 32 -2.59 15.79 10.33
CA THR D 32 -3.78 16.37 9.73
C THR D 32 -3.71 16.15 8.22
N PRO D 33 -4.79 16.38 7.42
CA PRO D 33 -4.68 16.25 5.98
C PRO D 33 -3.57 17.11 5.37
N GLU D 34 -3.21 18.19 6.04
CA GLU D 34 -2.25 19.10 5.41
C GLU D 34 -0.92 19.08 6.17
N TRP D 35 -0.89 18.52 7.37
CA TRP D 35 0.30 18.66 8.23
C TRP D 35 0.99 17.33 8.50
N ILE D 36 2.30 17.34 8.34
CA ILE D 36 3.12 16.12 8.56
C ILE D 36 4.19 16.45 9.61
N VAL D 37 4.33 15.57 10.59
CA VAL D 37 5.39 15.71 11.58
C VAL D 37 6.63 14.99 11.08
N THR D 38 7.73 15.72 10.93
CA THR D 38 9.02 15.13 10.60
C THR D 38 10.11 15.71 11.48
N ALA D 39 11.36 15.40 11.19
CA ALA D 39 12.48 15.87 11.98
C ALA D 39 13.09 17.12 11.37
N ALA D 40 13.68 17.96 12.22
CA ALA D 40 14.28 19.20 11.74
C ALA D 40 15.62 18.98 11.06
N HIS D 41 16.25 17.85 11.33
CA HIS D 41 17.52 17.49 10.68
C HIS D 41 17.29 17.06 9.24
N CYS D 42 16.07 16.69 8.91
CA CYS D 42 15.76 16.37 7.51
C CYS D 42 15.69 17.65 6.69
N VAL D 43 15.26 18.75 7.30
CA VAL D 43 15.00 19.96 6.55
C VAL D 43 16.03 21.03 6.86
N GLU D 44 17.23 20.62 7.24
CA GLU D 44 18.33 21.57 7.31
C GLU D 44 18.65 22.07 5.91
N LYS D 45 19.20 23.27 5.83
CA LYS D 45 19.69 23.80 4.57
C LYS D 45 20.64 22.79 3.93
N PRO D 46 20.54 22.54 2.62
CA PRO D 46 19.74 23.31 1.66
C PRO D 46 18.32 22.81 1.49
N LEU D 47 17.91 21.82 2.29
CA LEU D 47 16.60 21.21 2.18
C LEU D 47 15.57 21.89 3.08
N ASN D 48 15.79 23.15 3.44
CA ASN D 48 14.85 23.91 4.25
C ASN D 48 13.70 24.47 3.44
N ASN D 49 13.81 24.44 2.12
CA ASN D 49 12.80 25.01 1.25
C ASN D 49 11.78 23.95 0.87
N PRO D 50 10.49 24.27 0.94
CA PRO D 50 9.46 23.24 0.72
C PRO D 50 9.44 22.64 -0.67
N TRP D 51 9.94 23.35 -1.69
CA TRP D 51 9.80 22.83 -3.05
C TRP D 51 10.58 21.54 -3.26
N HIS D 52 11.68 21.35 -2.52
CA HIS D 52 12.45 20.12 -2.67
C HIS D 52 11.68 18.89 -2.22
N TRP D 53 10.63 19.06 -1.42
CA TRP D 53 10.04 17.96 -0.66
C TRP D 53 8.75 17.48 -1.32
N THR D 54 8.64 16.17 -1.50
CA THR D 54 7.42 15.52 -1.95
C THR D 54 7.05 14.45 -0.93
N ALA D 55 5.75 14.34 -0.64
CA ALA D 55 5.27 13.43 0.39
C ALA D 55 4.54 12.26 -0.24
N PHE D 56 4.81 11.06 0.27
CA PHE D 56 4.20 9.83 -0.24
C PHE D 56 3.50 9.12 0.92
N ALA D 57 2.17 9.04 0.84
CA ALA D 57 1.36 8.45 1.88
C ALA D 57 0.68 7.19 1.37
N GLY D 58 0.50 6.23 2.26
CA GLY D 58 -0.25 5.03 1.93
C GLY D 58 0.41 4.10 0.94
N ILE D 59 1.61 4.43 0.49
CA ILE D 59 2.37 3.53 -0.42
C ILE D 59 3.45 2.80 0.39
N LEU D 60 3.41 1.48 0.42
CA LEU D 60 4.34 0.68 1.22
C LEU D 60 5.72 0.58 0.58
N ARG D 61 5.76 0.73 -0.73
CA ARG D 61 7.02 0.51 -1.45
C ARG D 61 7.52 1.78 -2.09
N GLN D 62 8.81 2.01 -1.98
CA GLN D 62 9.38 3.20 -2.60
C GLN D 62 9.27 3.15 -4.12
N SER D 63 9.23 1.96 -4.67
CA SER D 63 9.14 1.79 -6.13
C SER D 63 7.77 2.22 -6.60
N PHE D 64 6.82 2.20 -5.71
CA PHE D 64 5.41 2.48 -6.07
C PHE D 64 5.13 3.93 -5.77
N MET D 65 6.20 4.63 -5.47
CA MET D 65 6.07 6.06 -5.13
C MET D 65 6.48 6.82 -6.37
N PHE D 66 5.60 6.79 -7.34
CA PHE D 66 5.93 7.36 -8.65
C PHE D 66 5.48 8.79 -8.67
N TYR D 67 5.91 9.50 -9.70
CA TYR D 67 5.45 10.87 -9.85
C TYR D 67 3.93 10.88 -10.06
N GLY D 68 3.24 11.61 -9.21
CA GLY D 68 1.78 11.71 -9.24
C GLY D 68 1.13 11.17 -7.99
N ALA D 69 1.80 10.26 -7.29
CA ALA D 69 1.33 9.79 -6.00
C ALA D 69 1.89 10.65 -4.87
N GLY D 70 2.77 11.58 -5.19
CA GLY D 70 3.36 12.45 -4.21
C GLY D 70 2.50 13.67 -3.92
N TYR D 71 2.72 14.25 -2.75
CA TYR D 71 2.04 15.47 -2.33
C TYR D 71 3.13 16.50 -2.10
N GLN D 72 3.09 17.54 -2.91
CA GLN D 72 4.09 18.60 -2.79
C GLN D 72 3.93 19.33 -1.46
N VAL D 73 5.05 19.58 -0.83
CA VAL D 73 5.06 20.30 0.46
C VAL D 73 4.98 21.79 0.16
N GLU D 74 4.08 22.49 0.84
CA GLU D 74 3.96 23.93 0.65
C GLU D 74 4.83 24.70 1.64
N LYS D 75 4.93 24.21 2.87
CA LYS D 75 5.63 24.93 3.93
C LYS D 75 6.42 23.94 4.76
N VAL D 76 7.66 24.32 5.07
CA VAL D 76 8.50 23.56 5.99
C VAL D 76 8.83 24.48 7.16
N ILE D 77 8.51 24.03 8.37
CA ILE D 77 8.80 24.79 9.59
C ILE D 77 9.64 23.90 10.49
N SER D 78 10.92 24.23 10.63
CA SER D 78 11.74 23.60 11.65
C SER D 78 11.45 24.23 12.99
N HIS D 79 11.63 23.45 14.05
CA HIS D 79 11.47 23.98 15.39
C HIS D 79 12.40 25.17 15.57
N PRO D 80 11.95 26.33 16.13
CA PRO D 80 12.83 27.48 16.22
C PRO D 80 14.08 27.22 17.03
N ASN D 81 13.98 26.34 18.02
CA ASN D 81 15.11 26.05 18.90
C ASN D 81 15.75 24.71 18.57
N TYR D 82 15.72 24.33 17.29
CA TYR D 82 16.38 23.11 16.87
C TYR D 82 17.88 23.33 16.82
N ASP D 83 18.64 22.39 17.38
CA ASP D 83 20.10 22.45 17.40
C ASP D 83 20.65 21.36 16.49
N SER D 84 21.42 21.78 15.48
CA SER D 84 21.98 20.81 14.54
C SER D 84 22.93 19.83 15.21
N LYS D 85 23.60 20.24 16.28
CA LYS D 85 24.64 19.43 16.88
C LYS D 85 24.07 18.49 17.93
N THR D 86 23.33 19.02 18.89
CA THR D 86 22.70 18.19 19.92
C THR D 86 21.46 17.47 19.40
N LYS D 87 20.88 17.93 18.28
CA LYS D 87 19.61 17.42 17.77
C LYS D 87 18.48 17.63 18.77
N ASN D 88 18.62 18.68 19.58
CA ASN D 88 17.57 19.09 20.48
C ASN D 88 16.48 19.84 19.74
N ASN D 89 15.22 19.49 19.99
CA ASN D 89 14.10 20.10 19.26
C ASN D 89 14.14 19.61 17.81
N ASP D 90 14.52 18.35 17.61
CA ASP D 90 14.56 17.78 16.27
C ASP D 90 13.14 17.46 15.82
N ILE D 91 12.40 18.52 15.58
CA ILE D 91 11.01 18.38 15.08
C ILE D 91 10.81 19.43 14.01
N ALA D 92 10.11 19.04 12.98
CA ALA D 92 9.75 19.95 11.92
C ALA D 92 8.35 19.60 11.44
N LEU D 93 7.68 20.60 10.90
CA LEU D 93 6.31 20.39 10.41
C LEU D 93 6.33 20.65 8.92
N MET D 94 5.72 19.77 8.15
CA MET D 94 5.65 19.97 6.69
C MET D 94 4.19 20.08 6.28
N LYS D 95 3.82 21.24 5.74
CA LYS D 95 2.46 21.41 5.21
C LYS D 95 2.44 21.04 3.73
N LEU D 96 1.39 20.39 3.30
CA LEU D 96 1.24 19.98 1.91
C LEU D 96 0.36 20.98 1.17
N GLN D 97 0.58 21.14 -0.14
CA GLN D 97 -0.18 22.10 -0.95
C GLN D 97 -1.59 21.57 -1.10
N LYS D 98 -1.72 20.28 -1.36
CA LYS D 98 -3.02 19.64 -1.46
C LYS D 98 -3.31 18.89 -0.17
N PRO D 99 -4.51 19.01 0.40
CA PRO D 99 -4.85 18.20 1.58
C PRO D 99 -4.76 16.73 1.25
N LEU D 100 -4.23 15.95 2.19
CA LEU D 100 -4.18 14.51 2.01
C LEU D 100 -5.59 13.94 1.99
N THR D 101 -5.83 13.00 1.09
CA THR D 101 -7.08 12.27 1.06
C THR D 101 -6.91 11.03 1.92
N PHE D 102 -7.66 10.96 3.01
CA PHE D 102 -7.51 9.84 3.94
C PHE D 102 -8.21 8.62 3.36
N ASN D 103 -7.55 7.48 3.46
CA ASN D 103 -8.03 6.25 2.85
C ASN D 103 -7.94 5.14 3.91
N ASP D 104 -7.93 3.88 3.46
CA ASP D 104 -7.59 2.79 4.34
C ASP D 104 -6.09 2.70 4.54
N LEU D 105 -5.32 3.30 3.63
CA LEU D 105 -3.88 3.31 3.67
C LEU D 105 -3.31 4.63 4.15
N VAL D 106 -4.08 5.71 4.11
CA VAL D 106 -3.62 7.03 4.53
C VAL D 106 -4.58 7.50 5.61
N LYS D 107 -4.05 7.54 6.81
CA LYS D 107 -4.85 7.94 7.98
C LYS D 107 -3.94 8.78 8.88
N PRO D 108 -4.40 9.78 9.64
CA PRO D 108 -3.54 10.52 10.56
C PRO D 108 -3.28 9.76 11.85
N VAL D 109 -2.11 10.01 12.44
CA VAL D 109 -1.82 9.55 13.79
C VAL D 109 -2.22 10.66 14.74
N CYS D 110 -2.64 10.29 15.94
CA CYS D 110 -3.09 11.28 16.90
C CYS D 110 -1.90 11.95 17.55
N LEU D 111 -1.97 13.26 17.60
CA LEU D 111 -0.92 13.98 18.31
C LEU D 111 -1.09 13.61 19.79
N PRO D 112 -0.02 13.45 20.59
CA PRO D 112 -0.16 13.00 21.99
C PRO D 112 -0.86 14.05 22.84
N ASN D 113 -1.67 13.59 23.72
CA ASN D 113 -2.32 14.49 24.65
C ASN D 113 -1.57 14.50 25.97
N PRO D 114 -1.60 15.63 26.71
CA PRO D 114 -1.02 15.64 28.03
C PRO D 114 -1.81 14.64 28.88
N GLY D 115 -1.13 13.94 29.76
CA GLY D 115 -1.82 12.94 30.55
C GLY D 115 -2.05 11.66 29.79
N MET D 116 -1.04 11.22 29.06
CA MET D 116 -1.19 9.97 28.29
C MET D 116 -1.02 8.78 29.22
N MET D 117 -0.40 9.00 30.38
CA MET D 117 -0.16 7.94 31.37
C MET D 117 0.56 6.75 30.74
N LEU D 118 1.64 7.04 30.02
CA LEU D 118 2.39 5.98 29.38
C LEU D 118 3.28 5.25 30.39
N GLN D 119 3.53 3.98 30.13
CA GLN D 119 4.42 3.20 30.97
C GLN D 119 5.87 3.63 30.75
N PRO D 120 6.73 3.51 31.78
CA PRO D 120 8.15 3.85 31.59
C PRO D 120 8.82 3.12 30.44
N GLU D 121 8.42 1.92 30.12
CA GLU D 121 8.96 1.15 28.97
C GLU D 121 7.80 0.76 28.09
N GLN D 122 7.00 1.73 27.67
CA GLN D 122 5.79 1.48 26.85
C GLN D 122 6.10 0.80 25.50
N LEU D 123 5.31 -0.21 25.13
CA LEU D 123 5.45 -0.85 23.80
C LEU D 123 5.13 0.16 22.74
N CYS D 124 6.16 0.53 22.02
CA CYS D 124 5.97 1.46 20.92
C CYS D 124 6.34 0.77 19.62
N TRP D 125 6.05 1.46 18.53
CA TRP D 125 6.36 0.97 17.19
C TRP D 125 7.10 2.05 16.43
N ILE D 126 8.03 1.59 15.62
CA ILE D 126 8.77 2.51 14.74
C ILE D 126 8.68 1.95 13.34
N SER D 127 8.31 2.78 12.40
CA SER D 127 8.21 2.40 11.01
C SER D 127 9.07 3.33 10.18
N GLY D 128 9.44 2.85 9.00
CA GLY D 128 10.22 3.67 8.10
C GLY D 128 10.81 2.87 6.98
N TRP D 129 11.25 3.57 5.92
CA TRP D 129 11.98 2.94 4.83
C TRP D 129 13.48 3.04 5.02
N GLY D 130 13.93 3.20 6.26
CA GLY D 130 15.34 3.38 6.54
C GLY D 130 16.13 2.10 6.37
N ALA D 131 17.43 2.21 6.63
CA ALA D 131 18.32 1.10 6.40
C ALA D 131 17.96 -0.09 7.29
N THR D 132 17.99 -1.28 6.71
CA THR D 132 17.77 -2.51 7.47
C THR D 132 19.03 -2.95 8.21
N GLU D 133 20.17 -2.34 7.88
CA GLU D 133 21.44 -2.61 8.55
C GLU D 133 22.25 -1.32 8.50
N GLU D 134 23.16 -1.17 9.46
CA GLU D 134 23.95 0.05 9.53
C GLU D 134 24.72 0.25 8.22
N LYS D 135 24.77 1.50 7.76
CA LYS D 135 25.39 1.94 6.50
C LYS D 135 24.67 1.39 5.28
N GLY D 136 23.52 0.76 5.47
CA GLY D 136 22.77 0.14 4.40
C GLY D 136 21.85 1.11 3.68
N LYS D 137 21.12 0.57 2.72
CA LYS D 137 20.31 1.46 1.86
C LYS D 137 18.86 1.54 2.28
N THR D 138 18.24 2.62 1.85
CA THR D 138 16.82 2.87 2.06
C THR D 138 16.06 1.61 1.66
N SER D 139 15.22 1.10 2.56
CA SER D 139 14.50 -0.13 2.27
C SER D 139 13.46 0.12 1.18
N GLU D 140 13.19 -0.86 0.35
CA GLU D 140 12.14 -0.65 -0.66
C GLU D 140 10.79 -0.71 0.04
N VAL D 141 10.59 -1.75 0.80
CA VAL D 141 9.32 -1.90 1.47
C VAL D 141 9.39 -1.23 2.84
N LEU D 142 8.28 -0.62 3.24
CA LEU D 142 8.18 -0.04 4.58
C LEU D 142 8.41 -1.11 5.64
N ASN D 143 9.30 -0.82 6.58
CA ASN D 143 9.58 -1.74 7.67
C ASN D 143 9.05 -1.15 8.96
N ALA D 144 8.80 -2.03 9.92
CA ALA D 144 8.29 -1.60 11.23
C ALA D 144 8.85 -2.51 12.33
N ALA D 145 8.97 -1.97 13.53
CA ALA D 145 9.49 -2.76 14.65
C ALA D 145 8.89 -2.31 15.97
N LYS D 146 8.68 -3.26 16.86
CA LYS D 146 8.17 -2.95 18.19
C LYS D 146 9.38 -2.57 19.01
N VAL D 147 9.32 -1.43 19.65
CA VAL D 147 10.44 -0.90 20.46
C VAL D 147 9.86 -0.50 21.80
N LEU D 148 10.59 -0.74 22.88
CA LEU D 148 10.11 -0.30 24.21
C LEU D 148 10.76 1.05 24.52
N LEU D 149 10.00 1.95 25.09
CA LEU D 149 10.56 3.23 25.53
C LEU D 149 11.64 2.94 26.58
N ILE D 150 12.71 3.71 26.53
CA ILE D 150 13.80 3.57 27.52
C ILE D 150 13.81 4.83 28.33
N GLU D 151 13.50 4.79 29.62
CA GLU D 151 13.44 5.94 30.52
C GLU D 151 14.67 6.83 30.31
N THR D 152 14.42 8.14 30.25
CA THR D 152 15.48 9.08 29.93
C THR D 152 16.64 8.98 30.91
N GLN D 153 16.36 8.64 32.17
CA GLN D 153 17.44 8.43 33.14
C GLN D 153 18.37 7.31 32.72
N ARG D 154 17.81 6.18 32.28
CA ARG D 154 18.65 5.07 31.84
C ARG D 154 19.37 5.40 30.55
N CYS D 155 18.73 6.18 29.67
CA CYS D 155 19.31 6.53 28.39
C CYS D 155 20.36 7.63 28.51
N ASN D 156 20.32 8.42 29.58
CA ASN D 156 21.33 9.42 29.84
C ASN D 156 22.51 8.88 30.62
N SER D 157 22.54 7.58 30.89
CA SER D 157 23.67 6.98 31.56
C SER D 157 24.91 7.03 30.67
N ARG D 158 26.08 7.12 31.31
CA ARG D 158 27.35 7.21 30.57
C ARG D 158 27.49 5.99 29.69
N TYR D 159 26.88 4.89 30.10
CA TYR D 159 27.00 3.63 29.33
C TYR D 159 26.11 3.69 28.09
N VAL D 160 25.25 4.69 28.01
CA VAL D 160 24.37 4.85 26.82
C VAL D 160 24.57 6.13 25.99
N TYR D 161 24.12 7.28 26.46
CA TYR D 161 24.30 8.52 25.73
C TYR D 161 24.83 9.68 26.55
N ASP D 162 25.12 9.44 27.83
CA ASP D 162 25.86 10.42 28.65
C ASP D 162 25.27 11.82 28.63
N ASN D 163 24.08 11.97 29.17
CA ASN D 163 23.43 13.28 29.39
C ASN D 163 23.16 14.03 28.10
N LEU D 164 23.16 13.34 26.95
CA LEU D 164 22.90 13.98 25.67
C LEU D 164 21.42 13.95 25.30
N ILE D 165 20.58 13.37 26.15
CA ILE D 165 19.15 13.25 25.89
C ILE D 165 18.46 14.39 26.61
N THR D 166 17.99 15.38 25.84
CA THR D 166 17.35 16.55 26.43
C THR D 166 15.89 16.25 26.72
N PRO D 167 15.22 17.10 27.50
CA PRO D 167 13.78 16.91 27.72
C PRO D 167 12.97 16.93 26.45
N ALA D 168 13.48 17.50 25.37
CA ALA D 168 12.83 17.45 24.07
C ALA D 168 13.12 16.17 23.32
N MET D 169 13.72 15.18 23.98
CA MET D 169 14.07 13.91 23.38
C MET D 169 13.53 12.77 24.23
N ILE D 170 13.20 11.67 23.58
CA ILE D 170 12.82 10.44 24.26
C ILE D 170 13.55 9.28 23.62
N CYS D 171 13.87 8.28 24.42
CA CYS D 171 14.62 7.12 23.98
C CYS D 171 13.70 5.91 23.87
N ALA D 172 13.92 5.15 22.83
CA ALA D 172 13.09 3.97 22.60
C ALA D 172 13.92 2.93 21.87
N GLY D 173 13.56 1.68 22.07
CA GLY D 173 14.28 0.60 21.45
C GLY D 173 14.69 -0.40 22.48
N PHE D 174 15.91 -0.92 22.35
CA PHE D 174 16.43 -1.87 23.31
C PHE D 174 17.88 -1.54 23.55
N LEU D 175 18.26 -1.43 24.82
CA LEU D 175 19.66 -1.18 25.13
C LEU D 175 20.50 -2.37 24.70
N GLN D 176 19.83 -3.48 24.36
CA GLN D 176 20.48 -4.66 23.80
C GLN D 176 20.85 -4.41 22.35
N GLY D 177 20.21 -3.42 21.71
CA GLY D 177 20.35 -3.18 20.28
C GLY D 177 19.51 -4.13 19.47
N ASN D 178 20.03 -4.60 18.34
CA ASN D 178 19.37 -5.60 17.47
C ASN D 178 18.15 -5.02 16.76
N VAL D 179 17.33 -4.29 17.48
CA VAL D 179 16.10 -3.71 16.94
C VAL D 179 16.18 -2.20 17.17
N ASP D 180 16.30 -1.46 16.08
CA ASP D 180 16.36 0.01 16.21
C ASP D 180 15.95 0.71 14.94
N SER D 181 15.94 2.02 14.97
CA SER D 181 15.74 2.85 13.80
C SER D 181 17.11 3.19 13.21
N CYS D 182 17.11 3.73 12.00
CA CYS D 182 18.39 3.92 11.32
C CYS D 182 18.28 5.10 10.36
N GLN D 183 19.31 5.25 9.53
CA GLN D 183 19.34 6.29 8.51
C GLN D 183 18.17 6.10 7.56
N GLY D 184 17.41 7.16 7.34
CA GLY D 184 16.27 7.14 6.46
C GLY D 184 14.95 7.00 7.19
N ASP D 185 14.97 6.50 8.43
CA ASP D 185 13.78 6.55 9.26
C ASP D 185 13.60 7.91 9.92
N SER D 186 14.53 8.83 9.68
CA SER D 186 14.50 10.16 10.28
C SER D 186 13.13 10.82 10.12
N GLY D 187 12.63 11.39 11.22
CA GLY D 187 11.34 12.02 11.22
C GLY D 187 10.16 11.07 11.26
N GLY D 188 10.40 9.77 11.18
CA GLY D 188 9.33 8.80 11.11
C GLY D 188 8.61 8.66 12.44
N PRO D 189 7.50 7.93 12.44
CA PRO D 189 6.67 7.83 13.65
C PRO D 189 7.25 6.86 14.66
N LEU D 190 7.39 7.33 15.89
CA LEU D 190 7.48 6.48 17.07
C LEU D 190 6.10 6.51 17.72
N VAL D 191 5.39 5.42 17.55
CA VAL D 191 3.97 5.38 17.92
C VAL D 191 3.66 4.33 18.97
N THR D 192 2.73 4.62 19.84
CA THR D 192 2.25 3.64 20.80
C THR D 192 0.74 3.56 20.74
N SER D 193 0.20 2.44 21.17
CA SER D 193 -1.24 2.24 21.26
C SER D 193 -1.68 2.37 22.71
N LYS D 194 -2.70 3.18 22.96
CA LYS D 194 -3.35 3.25 24.26
C LYS D 194 -4.80 3.65 24.08
N ASN D 195 -5.71 2.89 24.70
CA ASN D 195 -7.15 3.08 24.56
C ASN D 195 -7.58 2.91 23.10
N ASN D 196 -6.93 1.96 22.41
CA ASN D 196 -7.22 1.63 21.02
C ASN D 196 -7.05 2.83 20.10
N ILE D 197 -6.18 3.75 20.48
CA ILE D 197 -5.82 4.91 19.62
C ILE D 197 -4.29 4.91 19.48
N TRP D 198 -3.77 5.15 18.29
CA TRP D 198 -2.33 5.24 18.06
C TRP D 198 -1.86 6.67 18.25
N TRP D 199 -0.79 6.84 19.02
CA TRP D 199 -0.30 8.15 19.44
C TRP D 199 1.12 8.35 18.96
N LEU D 200 1.36 9.48 18.29
CA LEU D 200 2.70 9.87 17.88
C LEU D 200 3.49 10.29 19.11
N ILE D 201 4.36 9.42 19.59
CA ILE D 201 5.13 9.72 20.79
C ILE D 201 6.45 10.39 20.45
N GLY D 202 7.05 10.04 19.31
CA GLY D 202 8.30 10.64 18.90
C GLY D 202 8.44 10.62 17.39
N ASP D 203 9.32 11.47 16.90
CA ASP D 203 9.79 11.40 15.52
C ASP D 203 11.24 10.99 15.54
N THR D 204 11.60 10.09 14.64
CA THR D 204 12.97 9.54 14.60
C THR D 204 13.99 10.65 14.48
N SER D 205 14.85 10.78 15.48
CA SER D 205 15.79 11.89 15.50
C SER D 205 17.22 11.41 15.26
N TRP D 206 17.82 10.70 16.21
CA TRP D 206 19.22 10.33 16.06
C TRP D 206 19.52 9.08 16.88
N GLY D 207 20.78 8.66 16.81
CA GLY D 207 21.28 7.51 17.53
C GLY D 207 22.68 7.15 17.06
N SER D 208 23.47 6.53 17.92
CA SER D 208 24.84 6.15 17.57
C SER D 208 24.80 4.80 16.88
N GLY D 209 25.12 4.79 15.58
CA GLY D 209 25.01 3.55 14.84
C GLY D 209 23.55 3.17 14.65
N CYS D 210 23.33 1.90 14.34
CA CYS D 210 21.98 1.35 14.23
C CYS D 210 21.97 -0.04 14.85
N ALA D 211 21.05 -0.25 15.79
CA ALA D 211 20.88 -1.52 16.49
C ALA D 211 22.10 -1.90 17.31
N LYS D 212 22.97 -0.94 17.59
CA LYS D 212 24.12 -1.22 18.43
C LYS D 212 23.72 -1.16 19.90
N ALA D 213 24.17 -2.14 20.68
CA ALA D 213 23.81 -2.24 22.08
C ALA D 213 24.19 -0.97 22.83
N TYR D 214 23.32 -0.54 23.74
CA TYR D 214 23.49 0.63 24.58
C TYR D 214 23.57 1.92 23.79
N ARG D 215 23.16 1.89 22.52
CA ARG D 215 23.05 3.08 21.68
C ARG D 215 21.69 3.03 20.99
N PRO D 216 20.61 3.18 21.75
CA PRO D 216 19.27 3.01 21.19
C PRO D 216 18.87 4.20 20.34
N GLY D 217 17.64 4.16 19.86
CA GLY D 217 17.13 5.25 19.06
C GLY D 217 16.66 6.40 19.91
N VAL D 218 17.00 7.61 19.49
CA VAL D 218 16.57 8.83 20.14
C VAL D 218 15.55 9.51 19.24
N TYR D 219 14.42 9.86 19.81
CA TYR D 219 13.31 10.43 19.05
C TYR D 219 12.96 11.76 19.66
N GLY D 220 12.56 12.71 18.84
CA GLY D 220 12.10 13.99 19.36
C GLY D 220 10.83 13.80 20.15
N ASN D 221 10.78 14.34 21.37
CA ASN D 221 9.63 14.14 22.23
C ASN D 221 8.44 14.92 21.68
N VAL D 222 7.62 14.27 20.84
CA VAL D 222 6.48 14.95 20.23
C VAL D 222 5.57 15.52 21.29
N MET D 223 5.44 14.85 22.44
CA MET D 223 4.64 15.39 23.52
C MET D 223 5.13 16.78 23.92
N VAL D 224 6.45 16.95 24.02
CA VAL D 224 7.00 18.27 24.35
C VAL D 224 6.72 19.26 23.23
N PHE D 225 6.61 18.79 21.98
CA PHE D 225 6.48 19.70 20.82
C PHE D 225 5.03 19.94 20.42
N THR D 226 4.08 19.34 21.11
CA THR D 226 2.66 19.44 20.72
C THR D 226 2.21 20.88 20.67
N ASP D 227 2.65 21.69 21.60
CA ASP D 227 2.17 23.08 21.69
C ASP D 227 2.75 23.87 20.53
N TRP D 228 4.00 23.63 20.19
CA TRP D 228 4.59 24.28 19.01
C TRP D 228 3.81 23.82 17.79
N ILE D 229 3.55 22.53 17.70
CA ILE D 229 2.78 21.98 16.55
C ILE D 229 1.45 22.71 16.55
N TYR D 230 0.80 22.80 17.72
CA TYR D 230 -0.52 23.42 17.72
C TYR D 230 -0.46 24.89 17.36
N ARG D 231 0.61 25.56 17.75
CA ARG D 231 0.74 27.00 17.48
C ARG D 231 1.08 27.21 16.00
N GLN D 232 1.87 26.32 15.42
CA GLN D 232 2.31 26.53 14.03
C GLN D 232 1.17 26.20 13.09
N MET D 233 0.34 25.20 13.43
CA MET D 233 -0.80 24.89 12.58
C MET D 233 -1.87 25.96 12.70
N ARG D 234 -2.10 26.45 13.92
CA ARG D 234 -3.11 27.49 14.11
C ARG D 234 -2.74 28.77 13.40
N ALA D 235 -1.47 29.09 13.40
CA ALA D 235 -1.00 30.31 12.75
C ALA D 235 -1.26 30.21 11.27
N ASP D 236 -1.20 29.01 10.73
CA ASP D 236 -1.41 28.82 9.29
C ASP D 236 -2.84 29.21 8.94
N GLY D 237 -3.81 28.88 9.79
CA GLY D 237 -5.18 29.35 9.57
C GLY D 237 -5.24 30.87 9.45
#